data_8TE2
# 
_entry.id   8TE2 
# 
_audit_conform.dict_name       mmcif_pdbx.dic 
_audit_conform.dict_version    5.395 
_audit_conform.dict_location   http://mmcif.pdb.org/dictionaries/ascii/mmcif_pdbx.dic 
# 
loop_
_database_2.database_id 
_database_2.database_code 
_database_2.pdbx_database_accession 
_database_2.pdbx_DOI 
PDB   8TE2         pdb_00008te2 10.2210/pdb8te2/pdb 
WWPDB D_1000275655 ?            ?                   
# 
loop_
_pdbx_audit_revision_history.ordinal 
_pdbx_audit_revision_history.data_content_type 
_pdbx_audit_revision_history.major_revision 
_pdbx_audit_revision_history.minor_revision 
_pdbx_audit_revision_history.revision_date 
1 'Structure model' 1 0 2024-06-12 
2 'Structure model' 1 1 2024-06-26 
# 
_pdbx_audit_revision_details.ordinal             1 
_pdbx_audit_revision_details.revision_ordinal    1 
_pdbx_audit_revision_details.data_content_type   'Structure model' 
_pdbx_audit_revision_details.provider            repository 
_pdbx_audit_revision_details.type                'Initial release' 
_pdbx_audit_revision_details.description         ? 
_pdbx_audit_revision_details.details             ? 
# 
_pdbx_audit_revision_group.ordinal             1 
_pdbx_audit_revision_group.revision_ordinal    2 
_pdbx_audit_revision_group.data_content_type   'Structure model' 
_pdbx_audit_revision_group.group               'Database references' 
# 
loop_
_pdbx_audit_revision_category.ordinal 
_pdbx_audit_revision_category.revision_ordinal 
_pdbx_audit_revision_category.data_content_type 
_pdbx_audit_revision_category.category 
1 2 'Structure model' citation        
2 2 'Structure model' citation_author 
# 
loop_
_pdbx_audit_revision_item.ordinal 
_pdbx_audit_revision_item.revision_ordinal 
_pdbx_audit_revision_item.data_content_type 
_pdbx_audit_revision_item.item 
1 2 'Structure model' '_citation.journal_volume'          
2 2 'Structure model' '_citation.page_first'              
3 2 'Structure model' '_citation.page_last'               
4 2 'Structure model' '_citation_author.identifier_ORCID' 
# 
_pdbx_database_status.status_code                     REL 
_pdbx_database_status.status_code_sf                  REL 
_pdbx_database_status.status_code_mr                  ? 
_pdbx_database_status.entry_id                        8TE2 
_pdbx_database_status.recvd_initial_deposition_date   2023-07-05 
_pdbx_database_status.SG_entry                        N 
_pdbx_database_status.deposit_site                    RCSB 
_pdbx_database_status.process_site                    RCSB 
_pdbx_database_status.status_code_cs                  ? 
_pdbx_database_status.status_code_nmr_data            ? 
_pdbx_database_status.methods_development_category    ? 
_pdbx_database_status.pdb_format_compatible           Y 
# 
_pdbx_contact_author.id                 2 
_pdbx_contact_author.email              jwszostak@uchicago.edu 
_pdbx_contact_author.name_first         Jack 
_pdbx_contact_author.name_last          Szostak 
_pdbx_contact_author.name_mi            W. 
_pdbx_contact_author.role               'principal investigator/group leader' 
_pdbx_contact_author.identifier_ORCID   0000-0003-4131-1203 
# 
loop_
_audit_author.name 
_audit_author.pdbx_ordinal 
_audit_author.identifier_ORCID 
'Fang, Z.'      1 0000-0001-8679-6633 
'Jia, X.'       2 0000-0001-9094-9882 
'Szostak, J.W.' 3 0000-0003-4131-1203 
# 
_citation.abstract                  ? 
_citation.abstract_id_CAS           ? 
_citation.book_id_ISBN              ? 
_citation.book_publisher            ? 
_citation.book_publisher_city       ? 
_citation.book_title                ? 
_citation.coordinate_linkage        ? 
_citation.country                   US 
_citation.database_id_Medline       ? 
_citation.details                   ? 
_citation.id                        primary 
_citation.journal_abbrev            J.Am.Chem.Soc. 
_citation.journal_id_ASTM           JACSAT 
_citation.journal_id_CSD            ? 
_citation.journal_id_ISSN           1520-5126 
_citation.journal_full              ? 
_citation.journal_issue             ? 
_citation.journal_volume            146 
_citation.language                  ? 
_citation.page_first                15897 
_citation.page_last                 15907 
_citation.title                     'Diaminopurine in Nonenzymatic RNA Template Copying.' 
_citation.year                      2024 
_citation.database_id_CSD           ? 
_citation.pdbx_database_id_DOI      10.1021/jacs.4c02560 
_citation.pdbx_database_id_PubMed   38818863 
_citation.pdbx_database_id_patent   ? 
_citation.unpublished_flag          ? 
# 
loop_
_citation_author.citation_id 
_citation_author.name 
_citation_author.ordinal 
_citation_author.identifier_ORCID 
primary 'Jia, X.'       1 ? 
primary 'Fang, Z.'      2 ? 
primary 'Kim, S.C.'     3 ? 
primary 'Ding, D.'      4 ? 
primary 'Zhou, L.'      5 ? 
primary 'Szostak, J.W.' 6 ? 
# 
loop_
_entity.id 
_entity.type 
_entity.src_method 
_entity.pdbx_description 
_entity.formula_weight 
_entity.pdbx_number_of_molecules 
_entity.pdbx_ec 
_entity.pdbx_mutation 
_entity.pdbx_fragment 
_entity.details 
1 polymer     syn RNA           5097.094 1  ? ? ? ? 
2 non-polymer syn 'CALCIUM ION' 40.078   1  ? ? ? ? 
3 water       nat water         18.015   51 ? ? ? ? 
# 
_entity_poly.entity_id                      1 
_entity_poly.type                           polyribonucleotide 
_entity_poly.nstd_linkage                   no 
_entity_poly.nstd_monomer                   yes 
_entity_poly.pdbx_seq_one_letter_code       'AGAGAAG(N6G)CCUUCUCU' 
_entity_poly.pdbx_seq_one_letter_code_can   AGAGAAGGCCUUCUCU 
_entity_poly.pdbx_strand_id                 A 
_entity_poly.pdbx_target_identifier         ? 
# 
loop_
_pdbx_entity_nonpoly.entity_id 
_pdbx_entity_nonpoly.name 
_pdbx_entity_nonpoly.comp_id 
2 'CALCIUM ION' CA  
3 water         HOH 
# 
loop_
_entity_poly_seq.entity_id 
_entity_poly_seq.num 
_entity_poly_seq.mon_id 
_entity_poly_seq.hetero 
1 1  A   n 
1 2  G   n 
1 3  A   n 
1 4  G   n 
1 5  A   n 
1 6  A   n 
1 7  G   n 
1 8  N6G n 
1 9  C   n 
1 10 C   n 
1 11 U   n 
1 12 U   n 
1 13 C   n 
1 14 U   n 
1 15 C   n 
1 16 U   n 
# 
_pdbx_entity_src_syn.entity_id              1 
_pdbx_entity_src_syn.pdbx_src_id            1 
_pdbx_entity_src_syn.pdbx_alt_source_flag   sample 
_pdbx_entity_src_syn.pdbx_beg_seq_num       1 
_pdbx_entity_src_syn.pdbx_end_seq_num       16 
_pdbx_entity_src_syn.organism_scientific    'synthetic construct' 
_pdbx_entity_src_syn.organism_common_name   ? 
_pdbx_entity_src_syn.ncbi_taxonomy_id       32630 
_pdbx_entity_src_syn.details                ? 
# 
loop_
_chem_comp.id 
_chem_comp.type 
_chem_comp.mon_nstd_flag 
_chem_comp.name 
_chem_comp.pdbx_synonyms 
_chem_comp.formula 
_chem_comp.formula_weight 
A   'RNA linking' y "ADENOSINE-5'-MONOPHOSPHATE"                                                                                  
? 'C10 H14 N5 O7 P' 347.221 
C   'RNA linking' y "CYTIDINE-5'-MONOPHOSPHATE"                                                                                   
? 'C9 H14 N3 O8 P'  323.197 
CA  non-polymer   . 'CALCIUM ION'                                                                                                 
? 'Ca 2'            40.078  
G   'RNA linking' y "GUANOSINE-5'-MONOPHOSPHATE"                                                                                  
? 'C10 H14 N5 O8 P' 363.221 
HOH non-polymer   . WATER                                                                                                         
? 'H2 O'            18.015  
N6G 'RNA linking' n '((2R,3S,4R,5S)-5-(2,6-DIAMINO-9H-PURIN-9-YL)-3,4-DIHYDROXY-TETRAHYDROFURAN-2-YL)METHYL DIHYDROGEN PHOSPHATE' 
? 'C10 H15 N6 O7 P' 362.236 
U   'RNA linking' y "URIDINE-5'-MONOPHOSPHATE"                                                                                    
? 'C9 H13 N2 O9 P'  324.181 
# 
loop_
_pdbx_poly_seq_scheme.asym_id 
_pdbx_poly_seq_scheme.entity_id 
_pdbx_poly_seq_scheme.seq_id 
_pdbx_poly_seq_scheme.mon_id 
_pdbx_poly_seq_scheme.ndb_seq_num 
_pdbx_poly_seq_scheme.pdb_seq_num 
_pdbx_poly_seq_scheme.auth_seq_num 
_pdbx_poly_seq_scheme.pdb_mon_id 
_pdbx_poly_seq_scheme.auth_mon_id 
_pdbx_poly_seq_scheme.pdb_strand_id 
_pdbx_poly_seq_scheme.pdb_ins_code 
_pdbx_poly_seq_scheme.hetero 
A 1 1  A   1  1  1  A   A   A . n 
A 1 2  G   2  2  2  G   G   A . n 
A 1 3  A   3  3  3  A   A   A . n 
A 1 4  G   4  4  4  G   G   A . n 
A 1 5  A   5  5  5  A   A   A . n 
A 1 6  A   6  6  6  A   A   A . n 
A 1 7  G   7  7  7  G   G   A . n 
A 1 8  N6G 8  8  8  N6G DAP A . n 
A 1 9  C   9  9  9  C   C   A . n 
A 1 10 C   10 10 10 C   C   A . n 
A 1 11 U   11 11 11 U   U   A . n 
A 1 12 U   12 12 12 U   U   A . n 
A 1 13 C   13 13 13 C   C   A . n 
A 1 14 U   14 14 14 U   U   A . n 
A 1 15 C   15 15 15 C   C   A . n 
A 1 16 U   16 16 16 U   U   A . n 
# 
loop_
_pdbx_nonpoly_scheme.asym_id 
_pdbx_nonpoly_scheme.entity_id 
_pdbx_nonpoly_scheme.mon_id 
_pdbx_nonpoly_scheme.ndb_seq_num 
_pdbx_nonpoly_scheme.pdb_seq_num 
_pdbx_nonpoly_scheme.auth_seq_num 
_pdbx_nonpoly_scheme.pdb_mon_id 
_pdbx_nonpoly_scheme.auth_mon_id 
_pdbx_nonpoly_scheme.pdb_strand_id 
_pdbx_nonpoly_scheme.pdb_ins_code 
B 2 CA  1  101 1  CA  CA  A . 
C 3 HOH 1  201 39 HOH HOH A . 
C 3 HOH 2  202 38 HOH HOH A . 
C 3 HOH 3  203 42 HOH HOH A . 
C 3 HOH 4  204 18 HOH HOH A . 
C 3 HOH 5  205 21 HOH HOH A . 
C 3 HOH 6  206 17 HOH HOH A . 
C 3 HOH 7  207 41 HOH HOH A . 
C 3 HOH 8  208 43 HOH HOH A . 
C 3 HOH 9  209 37 HOH HOH A . 
C 3 HOH 10 210 51 HOH HOH A . 
C 3 HOH 11 211 16 HOH HOH A . 
C 3 HOH 12 212 14 HOH HOH A . 
C 3 HOH 13 213 44 HOH HOH A . 
C 3 HOH 14 214 26 HOH HOH A . 
C 3 HOH 15 215 45 HOH HOH A . 
C 3 HOH 16 216 4  HOH HOH A . 
C 3 HOH 17 217 48 HOH HOH A . 
C 3 HOH 18 218 20 HOH HOH A . 
C 3 HOH 19 219 19 HOH HOH A . 
C 3 HOH 20 220 50 HOH HOH A . 
C 3 HOH 21 221 35 HOH HOH A . 
C 3 HOH 22 222 8  HOH HOH A . 
C 3 HOH 23 223 3  HOH HOH A . 
C 3 HOH 24 224 34 HOH HOH A . 
C 3 HOH 25 225 5  HOH HOH A . 
C 3 HOH 26 226 31 HOH HOH A . 
C 3 HOH 27 227 40 HOH HOH A . 
C 3 HOH 28 228 27 HOH HOH A . 
C 3 HOH 29 229 1  HOH HOH A . 
C 3 HOH 30 230 13 HOH HOH A . 
C 3 HOH 31 231 7  HOH HOH A . 
C 3 HOH 32 232 25 HOH HOH A . 
C 3 HOH 33 233 32 HOH HOH A . 
C 3 HOH 34 234 49 HOH HOH A . 
C 3 HOH 35 235 12 HOH HOH A . 
C 3 HOH 36 236 15 HOH HOH A . 
C 3 HOH 37 237 10 HOH HOH A . 
C 3 HOH 38 238 2  HOH HOH A . 
C 3 HOH 39 239 24 HOH HOH A . 
C 3 HOH 40 240 30 HOH HOH A . 
C 3 HOH 41 241 6  HOH HOH A . 
C 3 HOH 42 242 29 HOH HOH A . 
C 3 HOH 43 243 23 HOH HOH A . 
C 3 HOH 44 244 33 HOH HOH A . 
C 3 HOH 45 245 28 HOH HOH A . 
C 3 HOH 46 246 22 HOH HOH A . 
C 3 HOH 47 247 46 HOH HOH A . 
C 3 HOH 48 248 47 HOH HOH A . 
C 3 HOH 49 249 36 HOH HOH A . 
C 3 HOH 50 250 9  HOH HOH A . 
C 3 HOH 51 251 11 HOH HOH A . 
# 
loop_
_software.citation_id 
_software.classification 
_software.compiler_name 
_software.compiler_version 
_software.contact_author 
_software.contact_author_email 
_software.date 
_software.description 
_software.dependencies 
_software.hardware 
_software.language 
_software.location 
_software.mods 
_software.name 
_software.os 
_software.os_version 
_software.type 
_software.version 
_software.pdbx_ordinal 
? refinement       ? ? ? ? ? ? ? ? ? ? ? PHENIX ? ? ? 1.20.1_4487 1 
? 'data reduction' ? ? ? ? ? ? ? ? ? ? ? XDS    ? ? ? .           2 
? 'data scaling'   ? ? ? ? ? ? ? ? ? ? ? XDS    ? ? ? .           3 
? phasing          ? ? ? ? ? ? ? ? ? ? ? PHASER ? ? ? .           4 
# 
_cell.angle_alpha                  90.000 
_cell.angle_alpha_esd              ? 
_cell.angle_beta                   90.000 
_cell.angle_beta_esd               ? 
_cell.angle_gamma                  120.000 
_cell.angle_gamma_esd              ? 
_cell.entry_id                     8TE2 
_cell.details                      ? 
_cell.formula_units_Z              ? 
_cell.length_a                     41.562 
_cell.length_a_esd                 ? 
_cell.length_b                     41.562 
_cell.length_b_esd                 ? 
_cell.length_c                     125.383 
_cell.length_c_esd                 ? 
_cell.volume                       187573.989 
_cell.volume_esd                   ? 
_cell.Z_PDB                        18 
_cell.reciprocal_angle_alpha       ? 
_cell.reciprocal_angle_beta        ? 
_cell.reciprocal_angle_gamma       ? 
_cell.reciprocal_angle_alpha_esd   ? 
_cell.reciprocal_angle_beta_esd    ? 
_cell.reciprocal_angle_gamma_esd   ? 
_cell.reciprocal_length_a          ? 
_cell.reciprocal_length_b          ? 
_cell.reciprocal_length_c          ? 
_cell.reciprocal_length_a_esd      ? 
_cell.reciprocal_length_b_esd      ? 
_cell.reciprocal_length_c_esd      ? 
_cell.pdbx_unique_axis             ? 
_cell.pdbx_esd_method              ? 
# 
_symmetry.entry_id                         8TE2 
_symmetry.cell_setting                     ? 
_symmetry.Int_Tables_number                155 
_symmetry.space_group_name_Hall            
;R 3 2"
;
_symmetry.space_group_name_H-M             'H 3 2' 
_symmetry.pdbx_full_space_group_name_H-M   ? 
# 
_exptl.absorpt_coefficient_mu     ? 
_exptl.absorpt_correction_T_max   ? 
_exptl.absorpt_correction_T_min   ? 
_exptl.absorpt_correction_type    ? 
_exptl.absorpt_process_details    ? 
_exptl.entry_id                   8TE2 
_exptl.crystals_number            1 
_exptl.details                    ? 
_exptl.method                     'X-RAY DIFFRACTION' 
_exptl.method_details             ? 
# 
_exptl_crystal.colour                       ? 
_exptl_crystal.density_diffrn               ? 
_exptl_crystal.density_Matthews             2.08 
_exptl_crystal.density_method               ? 
_exptl_crystal.density_percent_sol          40.84 
_exptl_crystal.description                  ? 
_exptl_crystal.F_000                        ? 
_exptl_crystal.id                           1 
_exptl_crystal.preparation                  ? 
_exptl_crystal.size_max                     ? 
_exptl_crystal.size_mid                     ? 
_exptl_crystal.size_min                     ? 
_exptl_crystal.size_rad                     ? 
_exptl_crystal.colour_lustre                ? 
_exptl_crystal.colour_modifier              ? 
_exptl_crystal.colour_primary               ? 
_exptl_crystal.density_meas                 ? 
_exptl_crystal.density_meas_esd             ? 
_exptl_crystal.density_meas_gt              ? 
_exptl_crystal.density_meas_lt              ? 
_exptl_crystal.density_meas_temp            ? 
_exptl_crystal.density_meas_temp_esd        ? 
_exptl_crystal.density_meas_temp_gt         ? 
_exptl_crystal.density_meas_temp_lt         ? 
_exptl_crystal.pdbx_crystal_image_url       ? 
_exptl_crystal.pdbx_crystal_image_format    ? 
_exptl_crystal.pdbx_mosaicity               ? 
_exptl_crystal.pdbx_mosaicity_esd           ? 
_exptl_crystal.pdbx_mosaic_method           ? 
_exptl_crystal.pdbx_mosaic_block_size       ? 
_exptl_crystal.pdbx_mosaic_block_size_esd   ? 
# 
_exptl_crystal_grow.apparatus       ? 
_exptl_crystal_grow.atmosphere      ? 
_exptl_crystal_grow.crystal_id      1 
_exptl_crystal_grow.details         ? 
_exptl_crystal_grow.method          'VAPOR DIFFUSION, SITTING DROP' 
_exptl_crystal_grow.method_ref      ? 
_exptl_crystal_grow.pH              5.8 
_exptl_crystal_grow.pressure        ? 
_exptl_crystal_grow.pressure_esd    ? 
_exptl_crystal_grow.seeding         ? 
_exptl_crystal_grow.seeding_ref     ? 
_exptl_crystal_grow.temp_details    ? 
_exptl_crystal_grow.temp_esd        ? 
_exptl_crystal_grow.time            ? 
_exptl_crystal_grow.pdbx_details    
'400 mM Sodium chloride, 120 mM Calcium chloride, 27% v/v (+/-)-2-Methyl-2,4-pentanediol, 20 mM MES pH 5.8' 
_exptl_crystal_grow.pdbx_pH_range   ? 
_exptl_crystal_grow.temp            293 
# 
_diffrn.ambient_environment              ? 
_diffrn.ambient_temp                     99 
_diffrn.ambient_temp_details             ? 
_diffrn.ambient_temp_esd                 ? 
_diffrn.crystal_id                       1 
_diffrn.crystal_support                  ? 
_diffrn.crystal_treatment                ? 
_diffrn.details                          ? 
_diffrn.id                               1 
_diffrn.ambient_pressure                 ? 
_diffrn.ambient_pressure_esd             ? 
_diffrn.ambient_pressure_gt              ? 
_diffrn.ambient_pressure_lt              ? 
_diffrn.ambient_temp_gt                  ? 
_diffrn.ambient_temp_lt                  ? 
_diffrn.pdbx_serial_crystal_experiment   N 
# 
_diffrn_detector.details                      ? 
_diffrn_detector.detector                     PIXEL 
_diffrn_detector.diffrn_id                    1 
_diffrn_detector.type                         'DECTRIS PILATUS3 6M' 
_diffrn_detector.area_resol_mean              ? 
_diffrn_detector.dtime                        ? 
_diffrn_detector.pdbx_frames_total            ? 
_diffrn_detector.pdbx_collection_time_total   ? 
_diffrn_detector.pdbx_collection_date         2023-04-22 
_diffrn_detector.pdbx_frequency               ? 
_diffrn_detector.id                           ? 
_diffrn_detector.number_of_axes               ? 
# 
_diffrn_radiation.collimation                      ? 
_diffrn_radiation.diffrn_id                        1 
_diffrn_radiation.filter_edge                      ? 
_diffrn_radiation.inhomogeneity                    ? 
_diffrn_radiation.monochromator                    ? 
_diffrn_radiation.polarisn_norm                    ? 
_diffrn_radiation.polarisn_ratio                   ? 
_diffrn_radiation.probe                            ? 
_diffrn_radiation.type                             ? 
_diffrn_radiation.xray_symbol                      ? 
_diffrn_radiation.wavelength_id                    1 
_diffrn_radiation.pdbx_monochromatic_or_laue_m_l   M 
_diffrn_radiation.pdbx_wavelength_list             ? 
_diffrn_radiation.pdbx_wavelength                  ? 
_diffrn_radiation.pdbx_diffrn_protocol             'SINGLE WAVELENGTH' 
_diffrn_radiation.pdbx_analyzer                    ? 
_diffrn_radiation.pdbx_scattering_type             x-ray 
# 
_diffrn_radiation_wavelength.id           1 
_diffrn_radiation_wavelength.wavelength   1.038413 
_diffrn_radiation_wavelength.wt           1.0 
# 
_diffrn_source.current                     ? 
_diffrn_source.details                     ? 
_diffrn_source.diffrn_id                   1 
_diffrn_source.power                       ? 
_diffrn_source.size                        ? 
_diffrn_source.source                      SYNCHROTRON 
_diffrn_source.target                      ? 
_diffrn_source.type                        'ALS BEAMLINE 2.0.1' 
_diffrn_source.voltage                     ? 
_diffrn_source.take-off_angle              ? 
_diffrn_source.pdbx_wavelength_list        1.038413 
_diffrn_source.pdbx_wavelength             ? 
_diffrn_source.pdbx_synchrotron_beamline   2.0.1 
_diffrn_source.pdbx_synchrotron_site       ALS 
# 
_reflns.B_iso_Wilson_estimate                          18.44 
_reflns.entry_id                                       8TE2 
_reflns.data_reduction_details                         ? 
_reflns.data_reduction_method                          ? 
_reflns.d_resolution_high                              1.63 
_reflns.d_resolution_low                               41.79 
_reflns.details                                        ? 
_reflns.limit_h_max                                    ? 
_reflns.limit_h_min                                    ? 
_reflns.limit_k_max                                    ? 
_reflns.limit_k_min                                    ? 
_reflns.limit_l_max                                    ? 
_reflns.limit_l_min                                    ? 
_reflns.number_all                                     ? 
_reflns.number_obs                                     5477 
_reflns.observed_criterion                             ? 
_reflns.observed_criterion_F_max                       ? 
_reflns.observed_criterion_F_min                       ? 
_reflns.observed_criterion_I_max                       ? 
_reflns.observed_criterion_I_min                       ? 
_reflns.observed_criterion_sigma_F                     ? 
_reflns.observed_criterion_sigma_I                     ? 
_reflns.percent_possible_obs                           99.7 
_reflns.R_free_details                                 ? 
_reflns.Rmerge_F_all                                   ? 
_reflns.Rmerge_F_obs                                   ? 
_reflns.Friedel_coverage                               ? 
_reflns.number_gt                                      ? 
_reflns.threshold_expression                           ? 
_reflns.pdbx_redundancy                                8.3 
_reflns.pdbx_netI_over_av_sigmaI                       ? 
_reflns.pdbx_netI_over_sigmaI                          10.0 
_reflns.pdbx_res_netI_over_av_sigmaI_2                 ? 
_reflns.pdbx_res_netI_over_sigmaI_2                    ? 
_reflns.pdbx_chi_squared                               0.85 
_reflns.pdbx_scaling_rejects                           ? 
_reflns.pdbx_d_res_high_opt                            ? 
_reflns.pdbx_d_res_low_opt                             ? 
_reflns.pdbx_d_res_opt_method                          ? 
_reflns.phase_calculation_details                      ? 
_reflns.pdbx_Rrim_I_all                                0.105 
_reflns.pdbx_Rpim_I_all                                0.048 
_reflns.pdbx_d_opt                                     ? 
_reflns.pdbx_number_measured_all                       ? 
_reflns.pdbx_diffrn_id                                 1 
_reflns.pdbx_ordinal                                   1 
_reflns.pdbx_CC_half                                   0.998 
_reflns.pdbx_CC_star                                   ? 
_reflns.pdbx_R_split                                   ? 
_reflns.pdbx_Rmerge_I_obs                              0.093 
_reflns.pdbx_Rmerge_I_all                              ? 
_reflns.pdbx_Rsym_value                                ? 
_reflns.pdbx_CC_split_method                           ? 
_reflns.pdbx_aniso_diffraction_limit_axis_1_ortho[1]   ? 
_reflns.pdbx_aniso_diffraction_limit_axis_1_ortho[2]   ? 
_reflns.pdbx_aniso_diffraction_limit_axis_1_ortho[3]   ? 
_reflns.pdbx_aniso_diffraction_limit_axis_2_ortho[1]   ? 
_reflns.pdbx_aniso_diffraction_limit_axis_2_ortho[2]   ? 
_reflns.pdbx_aniso_diffraction_limit_axis_2_ortho[3]   ? 
_reflns.pdbx_aniso_diffraction_limit_axis_3_ortho[1]   ? 
_reflns.pdbx_aniso_diffraction_limit_axis_3_ortho[2]   ? 
_reflns.pdbx_aniso_diffraction_limit_axis_3_ortho[3]   ? 
_reflns.pdbx_aniso_diffraction_limit_1                 ? 
_reflns.pdbx_aniso_diffraction_limit_2                 ? 
_reflns.pdbx_aniso_diffraction_limit_3                 ? 
_reflns.pdbx_aniso_B_tensor_eigenvector_1_ortho[1]     ? 
_reflns.pdbx_aniso_B_tensor_eigenvector_1_ortho[2]     ? 
_reflns.pdbx_aniso_B_tensor_eigenvector_1_ortho[3]     ? 
_reflns.pdbx_aniso_B_tensor_eigenvector_2_ortho[1]     ? 
_reflns.pdbx_aniso_B_tensor_eigenvector_2_ortho[2]     ? 
_reflns.pdbx_aniso_B_tensor_eigenvector_2_ortho[3]     ? 
_reflns.pdbx_aniso_B_tensor_eigenvector_3_ortho[1]     ? 
_reflns.pdbx_aniso_B_tensor_eigenvector_3_ortho[2]     ? 
_reflns.pdbx_aniso_B_tensor_eigenvector_3_ortho[3]     ? 
_reflns.pdbx_aniso_B_tensor_eigenvalue_1               ? 
_reflns.pdbx_aniso_B_tensor_eigenvalue_2               ? 
_reflns.pdbx_aniso_B_tensor_eigenvalue_3               ? 
_reflns.pdbx_orthogonalization_convention              ? 
_reflns.pdbx_percent_possible_ellipsoidal              ? 
_reflns.pdbx_percent_possible_spherical                ? 
_reflns.pdbx_percent_possible_ellipsoidal_anomalous    ? 
_reflns.pdbx_percent_possible_spherical_anomalous      ? 
_reflns.pdbx_redundancy_anomalous                      ? 
_reflns.pdbx_CC_half_anomalous                         ? 
_reflns.pdbx_absDiff_over_sigma_anomalous              ? 
_reflns.pdbx_percent_possible_anomalous                ? 
_reflns.pdbx_observed_signal_threshold                 ? 
_reflns.pdbx_signal_type                               ? 
_reflns.pdbx_signal_details                            ? 
_reflns.pdbx_signal_software_id                        ? 
# 
_reflns_shell.d_res_high                                    1.63 
_reflns_shell.d_res_low                                     1.66 
_reflns_shell.meanI_over_sigI_all                           ? 
_reflns_shell.meanI_over_sigI_obs                           2.4 
_reflns_shell.number_measured_all                           ? 
_reflns_shell.number_measured_obs                           ? 
_reflns_shell.number_possible                               ? 
_reflns_shell.number_unique_all                             ? 
_reflns_shell.number_unique_obs                             285 
_reflns_shell.percent_possible_obs                          ? 
_reflns_shell.Rmerge_F_all                                  ? 
_reflns_shell.Rmerge_F_obs                                  ? 
_reflns_shell.meanI_over_sigI_gt                            ? 
_reflns_shell.meanI_over_uI_all                             ? 
_reflns_shell.meanI_over_uI_gt                              ? 
_reflns_shell.number_measured_gt                            ? 
_reflns_shell.number_unique_gt                              ? 
_reflns_shell.percent_possible_gt                           ? 
_reflns_shell.Rmerge_F_gt                                   ? 
_reflns_shell.Rmerge_I_gt                                   ? 
_reflns_shell.pdbx_redundancy                               6.9 
_reflns_shell.pdbx_chi_squared                              0.26 
_reflns_shell.pdbx_netI_over_sigmaI_all                     ? 
_reflns_shell.pdbx_netI_over_sigmaI_obs                     ? 
_reflns_shell.pdbx_Rrim_I_all                               0.424 
_reflns_shell.pdbx_Rpim_I_all                               0.216 
_reflns_shell.pdbx_rejects                                  ? 
_reflns_shell.pdbx_ordinal                                  1 
_reflns_shell.pdbx_diffrn_id                                1 
_reflns_shell.pdbx_CC_half                                  0.982 
_reflns_shell.pdbx_CC_star                                  ? 
_reflns_shell.pdbx_R_split                                  ? 
_reflns_shell.percent_possible_all                          97.1 
_reflns_shell.Rmerge_I_all                                  ? 
_reflns_shell.Rmerge_I_obs                                  0.362 
_reflns_shell.pdbx_Rsym_value                               ? 
_reflns_shell.pdbx_percent_possible_ellipsoidal             ? 
_reflns_shell.pdbx_percent_possible_spherical               ? 
_reflns_shell.pdbx_percent_possible_ellipsoidal_anomalous   ? 
_reflns_shell.pdbx_percent_possible_spherical_anomalous     ? 
_reflns_shell.pdbx_redundancy_anomalous                     ? 
_reflns_shell.pdbx_CC_half_anomalous                        ? 
_reflns_shell.pdbx_absDiff_over_sigma_anomalous             ? 
_reflns_shell.pdbx_percent_possible_anomalous               ? 
# 
_refine.aniso_B[1][1]                            ? 
_refine.aniso_B[1][2]                            ? 
_refine.aniso_B[1][3]                            ? 
_refine.aniso_B[2][2]                            ? 
_refine.aniso_B[2][3]                            ? 
_refine.aniso_B[3][3]                            ? 
_refine.B_iso_max                                ? 
_refine.B_iso_mean                               22.94 
_refine.B_iso_min                                ? 
_refine.correlation_coeff_Fo_to_Fc               ? 
_refine.correlation_coeff_Fo_to_Fc_free          ? 
_refine.details                                  ? 
_refine.diff_density_max                         ? 
_refine.diff_density_max_esd                     ? 
_refine.diff_density_min                         ? 
_refine.diff_density_min_esd                     ? 
_refine.diff_density_rms                         ? 
_refine.diff_density_rms_esd                     ? 
_refine.entry_id                                 8TE2 
_refine.pdbx_refine_id                           'X-RAY DIFFRACTION' 
_refine.ls_abs_structure_details                 ? 
_refine.ls_abs_structure_Flack                   ? 
_refine.ls_abs_structure_Flack_esd               ? 
_refine.ls_abs_structure_Rogers                  ? 
_refine.ls_abs_structure_Rogers_esd              ? 
_refine.ls_d_res_high                            1.63 
_refine.ls_d_res_low                             31.22 
_refine.ls_extinction_coef                       ? 
_refine.ls_extinction_coef_esd                   ? 
_refine.ls_extinction_expression                 ? 
_refine.ls_extinction_method                     ? 
_refine.ls_goodness_of_fit_all                   ? 
_refine.ls_goodness_of_fit_all_esd               ? 
_refine.ls_goodness_of_fit_obs                   ? 
_refine.ls_goodness_of_fit_obs_esd               ? 
_refine.ls_hydrogen_treatment                    ? 
_refine.ls_matrix_type                           ? 
_refine.ls_number_constraints                    ? 
_refine.ls_number_parameters                     ? 
_refine.ls_number_reflns_all                     ? 
_refine.ls_number_reflns_obs                     5344 
_refine.ls_number_reflns_R_free                  536 
_refine.ls_number_reflns_R_work                  4808 
_refine.ls_number_restraints                     ? 
_refine.ls_percent_reflns_obs                    97.27 
_refine.ls_percent_reflns_R_free                 10.03 
_refine.ls_R_factor_all                          ? 
_refine.ls_R_factor_obs                          0.2143 
_refine.ls_R_factor_R_free                       0.2516 
_refine.ls_R_factor_R_free_error                 ? 
_refine.ls_R_factor_R_free_error_details         ? 
_refine.ls_R_factor_R_work                       0.2100 
_refine.ls_R_Fsqd_factor_obs                     ? 
_refine.ls_R_I_factor_obs                        ? 
_refine.ls_redundancy_reflns_all                 ? 
_refine.ls_redundancy_reflns_obs                 ? 
_refine.ls_restrained_S_all                      ? 
_refine.ls_restrained_S_obs                      ? 
_refine.ls_shift_over_esd_max                    ? 
_refine.ls_shift_over_esd_mean                   ? 
_refine.ls_structure_factor_coef                 ? 
_refine.ls_weighting_details                     ? 
_refine.ls_weighting_scheme                      ? 
_refine.ls_wR_factor_all                         ? 
_refine.ls_wR_factor_obs                         ? 
_refine.ls_wR_factor_R_free                      ? 
_refine.ls_wR_factor_R_work                      ? 
_refine.occupancy_max                            ? 
_refine.occupancy_min                            ? 
_refine.solvent_model_details                    'FLAT BULK SOLVENT MODEL' 
_refine.solvent_model_param_bsol                 ? 
_refine.solvent_model_param_ksol                 ? 
_refine.pdbx_R_complete                          ? 
_refine.ls_R_factor_gt                           ? 
_refine.ls_goodness_of_fit_gt                    ? 
_refine.ls_goodness_of_fit_ref                   ? 
_refine.ls_shift_over_su_max                     ? 
_refine.ls_shift_over_su_max_lt                  ? 
_refine.ls_shift_over_su_mean                    ? 
_refine.ls_shift_over_su_mean_lt                 ? 
_refine.pdbx_ls_sigma_I                          ? 
_refine.pdbx_ls_sigma_F                          1.34 
_refine.pdbx_ls_sigma_Fsqd                       ? 
_refine.pdbx_data_cutoff_high_absF               ? 
_refine.pdbx_data_cutoff_high_rms_absF           ? 
_refine.pdbx_data_cutoff_low_absF                ? 
_refine.pdbx_isotropic_thermal_model             ? 
_refine.pdbx_ls_cross_valid_method               'FREE R-VALUE' 
_refine.pdbx_method_to_determine_struct          'MOLECULAR REPLACEMENT' 
_refine.pdbx_starting_model                      ? 
_refine.pdbx_stereochemistry_target_values       'GeoStd + Monomer Library + CDL v1.2' 
_refine.pdbx_R_Free_selection_details            ? 
_refine.pdbx_stereochem_target_val_spec_case     ? 
_refine.pdbx_overall_ESU_R                       ? 
_refine.pdbx_overall_ESU_R_Free                  ? 
_refine.pdbx_solvent_vdw_probe_radii             1.1000 
_refine.pdbx_solvent_ion_probe_radii             ? 
_refine.pdbx_solvent_shrinkage_radii             0.9000 
_refine.pdbx_real_space_R                        ? 
_refine.pdbx_density_correlation                 ? 
_refine.pdbx_pd_number_of_powder_patterns        ? 
_refine.pdbx_pd_number_of_points                 ? 
_refine.pdbx_pd_meas_number_of_points            ? 
_refine.pdbx_pd_proc_ls_prof_R_factor            ? 
_refine.pdbx_pd_proc_ls_prof_wR_factor           ? 
_refine.pdbx_pd_Marquardt_correlation_coeff      ? 
_refine.pdbx_pd_Fsqrd_R_factor                   ? 
_refine.pdbx_pd_ls_matrix_band_width             ? 
_refine.pdbx_overall_phase_error                 29.9209 
_refine.pdbx_overall_SU_R_free_Cruickshank_DPI   ? 
_refine.pdbx_overall_SU_R_free_Blow_DPI          ? 
_refine.pdbx_overall_SU_R_Blow_DPI               ? 
_refine.pdbx_TLS_residual_ADP_flag               ? 
_refine.pdbx_diffrn_id                           1 
_refine.overall_SU_B                             ? 
_refine.overall_SU_ML                            0.1552 
_refine.overall_SU_R_Cruickshank_DPI             ? 
_refine.overall_SU_R_free                        ? 
_refine.overall_FOM_free_R_set                   ? 
_refine.overall_FOM_work_R_set                   ? 
_refine.pdbx_average_fsc_overall                 ? 
_refine.pdbx_average_fsc_work                    ? 
_refine.pdbx_average_fsc_free                    ? 
# 
_refine_hist.pdbx_refine_id                   'X-RAY DIFFRACTION' 
_refine_hist.cycle_id                         LAST 
_refine_hist.details                          ? 
_refine_hist.d_res_high                       1.63 
_refine_hist.d_res_low                        31.22 
_refine_hist.number_atoms_solvent             51 
_refine_hist.number_atoms_total               389 
_refine_hist.number_reflns_all                ? 
_refine_hist.number_reflns_obs                ? 
_refine_hist.number_reflns_R_free             ? 
_refine_hist.number_reflns_R_work             ? 
_refine_hist.R_factor_all                     ? 
_refine_hist.R_factor_obs                     ? 
_refine_hist.R_factor_R_free                  ? 
_refine_hist.R_factor_R_work                  ? 
_refine_hist.pdbx_number_residues_total       ? 
_refine_hist.pdbx_B_iso_mean_ligand           ? 
_refine_hist.pdbx_B_iso_mean_solvent          ? 
_refine_hist.pdbx_number_atoms_protein        0 
_refine_hist.pdbx_number_atoms_nucleic_acid   337 
_refine_hist.pdbx_number_atoms_ligand         1 
_refine_hist.pdbx_number_atoms_lipid          ? 
_refine_hist.pdbx_number_atoms_carb           ? 
_refine_hist.pdbx_pseudo_atom_details         ? 
# 
loop_
_refine_ls_restr.pdbx_refine_id 
_refine_ls_restr.criterion 
_refine_ls_restr.dev_ideal 
_refine_ls_restr.dev_ideal_target 
_refine_ls_restr.number 
_refine_ls_restr.rejects 
_refine_ls_restr.type 
_refine_ls_restr.weight 
_refine_ls_restr.pdbx_restraint_function 
'X-RAY DIFFRACTION' ? 0.0133 ? 376 ? f_bond_d           ? ? 
'X-RAY DIFFRACTION' ? 2.0975 ? 584 ? f_angle_d          ? ? 
'X-RAY DIFFRACTION' ? 0.0946 ? 78  ? f_chiral_restr     ? ? 
'X-RAY DIFFRACTION' ? 0.0212 ? 16  ? f_plane_restr      ? ? 
'X-RAY DIFFRACTION' ? 6.5103 ? 180 ? f_dihedral_angle_d ? ? 
# 
loop_
_refine_ls_shell.pdbx_refine_id 
_refine_ls_shell.d_res_high 
_refine_ls_shell.d_res_low 
_refine_ls_shell.number_reflns_all 
_refine_ls_shell.number_reflns_obs 
_refine_ls_shell.number_reflns_R_free 
_refine_ls_shell.number_reflns_R_work 
_refine_ls_shell.percent_reflns_obs 
_refine_ls_shell.percent_reflns_R_free 
_refine_ls_shell.R_factor_all 
_refine_ls_shell.R_factor_obs 
_refine_ls_shell.R_factor_R_free_error 
_refine_ls_shell.R_factor_R_work 
_refine_ls_shell.redundancy_reflns_all 
_refine_ls_shell.redundancy_reflns_obs 
_refine_ls_shell.wR_factor_all 
_refine_ls_shell.wR_factor_obs 
_refine_ls_shell.wR_factor_R_free 
_refine_ls_shell.wR_factor_R_work 
_refine_ls_shell.pdbx_R_complete 
_refine_ls_shell.pdbx_total_number_of_bins_used 
_refine_ls_shell.pdbx_phase_error 
_refine_ls_shell.pdbx_fsc_work 
_refine_ls_shell.pdbx_fsc_free 
_refine_ls_shell.R_factor_R_free 
'X-RAY DIFFRACTION' 1.63 1.79  . . 127 1155 96.17 . . . . 0.1870 . . . . . . . . . . . 0.2745 
'X-RAY DIFFRACTION' 1.79 2.05  . . 135 1181 96.98 . . . . 0.2276 . . . . . . . . . . . 0.2998 
'X-RAY DIFFRACTION' 2.05 2.59  . . 130 1197 97.93 . . . . 0.2518 . . . . . . . . . . . 0.2895 
'X-RAY DIFFRACTION' 2.59 31.22 . . 144 1275 98.06 . . . . 0.1920 . . . . . . . . . . . 0.2227 
# 
_struct.entry_id                     8TE2 
_struct.title                        '16mer self-complementary duplex RNA with D:C pair sequence 2' 
_struct.pdbx_model_details           ? 
_struct.pdbx_formula_weight          ? 
_struct.pdbx_formula_weight_method   ? 
_struct.pdbx_model_type_details      ? 
_struct.pdbx_CASP_flag               N 
# 
_struct_keywords.entry_id        8TE2 
_struct_keywords.text            'Diaminopurine, RNA, Non-canonical base pair' 
_struct_keywords.pdbx_keywords   RNA 
# 
loop_
_struct_asym.id 
_struct_asym.pdbx_blank_PDB_chainid_flag 
_struct_asym.pdbx_modified 
_struct_asym.entity_id 
_struct_asym.details 
A N N 1 ? 
B N N 2 ? 
C N N 3 ? 
# 
_struct_ref.id                         1 
_struct_ref.db_name                    PDB 
_struct_ref.db_code                    8TE2 
_struct_ref.pdbx_db_accession          8TE2 
_struct_ref.pdbx_db_isoform            ? 
_struct_ref.entity_id                  1 
_struct_ref.pdbx_seq_one_letter_code   ? 
_struct_ref.pdbx_align_begin           1 
# 
_struct_ref_seq.align_id                      1 
_struct_ref_seq.ref_id                        1 
_struct_ref_seq.pdbx_PDB_id_code              8TE2 
_struct_ref_seq.pdbx_strand_id                A 
_struct_ref_seq.seq_align_beg                 1 
_struct_ref_seq.pdbx_seq_align_beg_ins_code   ? 
_struct_ref_seq.seq_align_end                 16 
_struct_ref_seq.pdbx_seq_align_end_ins_code   ? 
_struct_ref_seq.pdbx_db_accession             8TE2 
_struct_ref_seq.db_align_beg                  1 
_struct_ref_seq.pdbx_db_align_beg_ins_code    ? 
_struct_ref_seq.db_align_end                  16 
_struct_ref_seq.pdbx_db_align_end_ins_code    ? 
_struct_ref_seq.pdbx_auth_seq_align_beg       1 
_struct_ref_seq.pdbx_auth_seq_align_end       16 
# 
_pdbx_struct_assembly.id                   1 
_pdbx_struct_assembly.details              author_and_software_defined_assembly 
_pdbx_struct_assembly.method_details       PISA 
_pdbx_struct_assembly.oligomeric_details   dimeric 
_pdbx_struct_assembly.oligomeric_count     2 
# 
loop_
_pdbx_struct_assembly_prop.biol_id 
_pdbx_struct_assembly_prop.type 
_pdbx_struct_assembly_prop.value 
_pdbx_struct_assembly_prop.details 
1 'ABSA (A^2)' 2930 ? 
1 MORE         -13  ? 
1 'SSA (A^2)'  5570 ? 
# 
_pdbx_struct_assembly_gen.assembly_id       1 
_pdbx_struct_assembly_gen.oper_expression   1,2 
_pdbx_struct_assembly_gen.asym_id_list      A,B,C 
# 
loop_
_pdbx_struct_oper_list.id 
_pdbx_struct_oper_list.type 
_pdbx_struct_oper_list.name 
_pdbx_struct_oper_list.symmetry_operation 
_pdbx_struct_oper_list.matrix[1][1] 
_pdbx_struct_oper_list.matrix[1][2] 
_pdbx_struct_oper_list.matrix[1][3] 
_pdbx_struct_oper_list.vector[1] 
_pdbx_struct_oper_list.matrix[2][1] 
_pdbx_struct_oper_list.matrix[2][2] 
_pdbx_struct_oper_list.matrix[2][3] 
_pdbx_struct_oper_list.vector[2] 
_pdbx_struct_oper_list.matrix[3][1] 
_pdbx_struct_oper_list.matrix[3][2] 
_pdbx_struct_oper_list.matrix[3][3] 
_pdbx_struct_oper_list.vector[3] 
1 'identity operation'         1_555 x,y,z      1.0000000000  0.0000000000 0.0000000000 0.0000000000  0.0000000000 1.0000000000 0.0000000000 0.0000000000 0.0000000000 0.0000000000 1.0000000000  0.0000000000 
2 'crystal symmetry operation' 6_555 -x,-x+y,-z -0.2266345802 0.9733923508 0.0338245238 -2.1559740746 0.9733923508 0.2251552040 0.0425730605 1.6478898868 0.0338245238 0.0425730605 -0.9985206238 1.8717893686 
# 
loop_
_struct_conn.id 
_struct_conn.conn_type_id 
_struct_conn.pdbx_leaving_atom_flag 
_struct_conn.pdbx_PDB_id 
_struct_conn.ptnr1_label_asym_id 
_struct_conn.ptnr1_label_comp_id 
_struct_conn.ptnr1_label_seq_id 
_struct_conn.ptnr1_label_atom_id 
_struct_conn.pdbx_ptnr1_label_alt_id 
_struct_conn.pdbx_ptnr1_PDB_ins_code 
_struct_conn.pdbx_ptnr1_standard_comp_id 
_struct_conn.ptnr1_symmetry 
_struct_conn.ptnr2_label_asym_id 
_struct_conn.ptnr2_label_comp_id 
_struct_conn.ptnr2_label_seq_id 
_struct_conn.ptnr2_label_atom_id 
_struct_conn.pdbx_ptnr2_label_alt_id 
_struct_conn.pdbx_ptnr2_PDB_ins_code 
_struct_conn.ptnr1_auth_asym_id 
_struct_conn.ptnr1_auth_comp_id 
_struct_conn.ptnr1_auth_seq_id 
_struct_conn.ptnr2_auth_asym_id 
_struct_conn.ptnr2_auth_comp_id 
_struct_conn.ptnr2_auth_seq_id 
_struct_conn.ptnr2_symmetry 
_struct_conn.pdbx_ptnr3_label_atom_id 
_struct_conn.pdbx_ptnr3_label_seq_id 
_struct_conn.pdbx_ptnr3_label_comp_id 
_struct_conn.pdbx_ptnr3_label_asym_id 
_struct_conn.pdbx_ptnr3_label_alt_id 
_struct_conn.pdbx_ptnr3_PDB_ins_code 
_struct_conn.details 
_struct_conn.pdbx_dist_value 
_struct_conn.pdbx_value_order 
_struct_conn.pdbx_role 
covale1  covale both ? A G   7  "O3'" ? ? ? 1_555 A N6G 8  P  ? ? A G   7   A N6G 8   1_555 ? ? ? ? ? ? ?               1.610 ? ? 
covale2  covale both ? A N6G 8  "O3'" ? ? ? 1_555 A C   9  P  ? ? A N6G 8   A C   9   1_555 ? ? ? ? ? ? ?               1.583 ? ? 
metalc1  metalc ?    ? B CA  .  CA    ? ? ? 1_555 C HOH .  O  ? ? A CA  101 A HOH 222 1_555 ? ? ? ? ? ? ?               2.351 ? ? 
metalc2  metalc ?    ? B CA  .  CA    ? ? ? 1_555 C HOH .  O  ? ? A CA  101 A HOH 229 1_555 ? ? ? ? ? ? ?               2.607 ? ? 
metalc3  metalc ?    ? B CA  .  CA    ? ? ? 1_555 C HOH .  O  ? ? A CA  101 A HOH 235 1_555 ? ? ? ? ? ? ?               2.326 ? ? 
metalc4  metalc ?    ? B CA  .  CA    ? ? ? 1_555 C HOH .  O  ? ? A CA  101 A HOH 237 1_555 ? ? ? ? ? ? ?               2.306 ? ? 
metalc5  metalc ?    ? B CA  .  CA    ? ? ? 1_555 C HOH .  O  ? ? A CA  101 A HOH 238 1_555 ? ? ? ? ? ? ?               2.608 ? ? 
metalc6  metalc ?    ? B CA  .  CA    ? ? ? 1_555 C HOH .  O  ? ? A CA  101 A HOH 250 1_555 ? ? ? ? ? ? ?               2.151 ? ? 
metalc7  metalc ?    ? B CA  .  CA    ? ? ? 1_555 C HOH .  O  ? ? A CA  101 A HOH 251 1_555 ? ? ? ? ? ? ?               2.302 ? ? 
hydrog1  hydrog ?    ? A A   1  N1    ? ? ? 1_555 A U   16 N3 ? ? A A   1   A U   16  6_555 ? ? ? ? ? ? WATSON-CRICK    ?     ? ? 
hydrog2  hydrog ?    ? A A   1  N6    ? ? ? 1_555 A U   16 O4 ? ? A A   1   A U   16  6_555 ? ? ? ? ? ? WATSON-CRICK    ?     ? ? 
hydrog3  hydrog ?    ? A G   2  N1    ? ? ? 1_555 A C   15 N3 ? ? A G   2   A C   15  6_555 ? ? ? ? ? ? WATSON-CRICK    ?     ? ? 
hydrog4  hydrog ?    ? A G   2  N2    ? ? ? 1_555 A C   15 O2 ? ? A G   2   A C   15  6_555 ? ? ? ? ? ? WATSON-CRICK    ?     ? ? 
hydrog5  hydrog ?    ? A G   2  O6    ? ? ? 1_555 A C   15 N4 ? ? A G   2   A C   15  6_555 ? ? ? ? ? ? WATSON-CRICK    ?     ? ? 
hydrog6  hydrog ?    ? A A   3  N1    ? ? ? 1_555 A U   14 N3 ? ? A A   3   A U   14  6_555 ? ? ? ? ? ? WATSON-CRICK    ?     ? ? 
hydrog7  hydrog ?    ? A A   3  N6    ? ? ? 1_555 A U   14 O4 ? ? A A   3   A U   14  6_555 ? ? ? ? ? ? WATSON-CRICK    ?     ? ? 
hydrog8  hydrog ?    ? A G   4  N1    ? ? ? 1_555 A C   13 N3 ? ? A G   4   A C   13  6_555 ? ? ? ? ? ? WATSON-CRICK    ?     ? ? 
hydrog9  hydrog ?    ? A G   4  N2    ? ? ? 1_555 A C   13 O2 ? ? A G   4   A C   13  6_555 ? ? ? ? ? ? WATSON-CRICK    ?     ? ? 
hydrog10 hydrog ?    ? A G   4  O6    ? ? ? 1_555 A C   13 N4 ? ? A G   4   A C   13  6_555 ? ? ? ? ? ? WATSON-CRICK    ?     ? ? 
hydrog11 hydrog ?    ? A A   5  N1    ? ? ? 1_555 A U   12 N3 ? ? A A   5   A U   12  6_555 ? ? ? ? ? ? WATSON-CRICK    ?     ? ? 
hydrog12 hydrog ?    ? A A   5  N6    ? ? ? 1_555 A U   12 O4 ? ? A A   5   A U   12  6_555 ? ? ? ? ? ? WATSON-CRICK    ?     ? ? 
hydrog13 hydrog ?    ? A A   6  N1    ? ? ? 1_555 A U   11 N3 ? ? A A   6   A U   11  6_555 ? ? ? ? ? ? WATSON-CRICK    ?     ? ? 
hydrog14 hydrog ?    ? A A   6  N6    ? ? ? 1_555 A U   11 O4 ? ? A A   6   A U   11  6_555 ? ? ? ? ? ? WATSON-CRICK    ?     ? ? 
hydrog15 hydrog ?    ? A G   7  N1    ? ? ? 1_555 A C   10 N3 ? ? A G   7   A C   10  6_555 ? ? ? ? ? ? WATSON-CRICK    ?     ? ? 
hydrog16 hydrog ?    ? A G   7  N2    ? ? ? 1_555 A C   10 O2 ? ? A G   7   A C   10  6_555 ? ? ? ? ? ? WATSON-CRICK    ?     ? ? 
hydrog17 hydrog ?    ? A G   7  O6    ? ? ? 1_555 A C   10 N4 ? ? A G   7   A C   10  6_555 ? ? ? ? ? ? WATSON-CRICK    ?     ? ? 
hydrog18 hydrog ?    ? A N6G 8  N1    ? ? ? 1_555 A C   9  O2 ? ? A N6G 8   A C   9   6_555 ? ? ? ? ? ? 'N6G-C MISPAIR' ?     ? ? 
hydrog19 hydrog ?    ? A C   9  O2    ? ? ? 1_555 A N6G 8  N1 ? ? A C   9   A N6G 8   6_555 ? ? ? ? ? ? 'C-N6G MISPAIR' ?     ? ? 
hydrog20 hydrog ?    ? A C   10 N3    ? ? ? 1_555 A G   7  N1 ? ? A C   10  A G   7   6_555 ? ? ? ? ? ? WATSON-CRICK    ?     ? ? 
hydrog21 hydrog ?    ? A C   10 N4    ? ? ? 1_555 A G   7  O6 ? ? A C   10  A G   7   6_555 ? ? ? ? ? ? WATSON-CRICK    ?     ? ? 
hydrog22 hydrog ?    ? A C   10 O2    ? ? ? 1_555 A G   7  N2 ? ? A C   10  A G   7   6_555 ? ? ? ? ? ? WATSON-CRICK    ?     ? ? 
hydrog23 hydrog ?    ? A U   11 N3    ? ? ? 1_555 A A   6  N1 ? ? A U   11  A A   6   6_555 ? ? ? ? ? ? WATSON-CRICK    ?     ? ? 
hydrog24 hydrog ?    ? A U   11 O4    ? ? ? 1_555 A A   6  N6 ? ? A U   11  A A   6   6_555 ? ? ? ? ? ? WATSON-CRICK    ?     ? ? 
hydrog25 hydrog ?    ? A U   12 N3    ? ? ? 1_555 A A   5  N1 ? ? A U   12  A A   5   6_555 ? ? ? ? ? ? WATSON-CRICK    ?     ? ? 
hydrog26 hydrog ?    ? A U   12 O4    ? ? ? 1_555 A A   5  N6 ? ? A U   12  A A   5   6_555 ? ? ? ? ? ? WATSON-CRICK    ?     ? ? 
hydrog27 hydrog ?    ? A C   13 N3    ? ? ? 1_555 A G   4  N1 ? ? A C   13  A G   4   6_555 ? ? ? ? ? ? WATSON-CRICK    ?     ? ? 
hydrog28 hydrog ?    ? A C   13 N4    ? ? ? 1_555 A G   4  O6 ? ? A C   13  A G   4   6_555 ? ? ? ? ? ? WATSON-CRICK    ?     ? ? 
hydrog29 hydrog ?    ? A C   13 O2    ? ? ? 1_555 A G   4  N2 ? ? A C   13  A G   4   6_555 ? ? ? ? ? ? WATSON-CRICK    ?     ? ? 
hydrog30 hydrog ?    ? A U   14 N3    ? ? ? 1_555 A A   3  N1 ? ? A U   14  A A   3   6_555 ? ? ? ? ? ? WATSON-CRICK    ?     ? ? 
hydrog31 hydrog ?    ? A U   14 O4    ? ? ? 1_555 A A   3  N6 ? ? A U   14  A A   3   6_555 ? ? ? ? ? ? WATSON-CRICK    ?     ? ? 
hydrog32 hydrog ?    ? A C   15 N3    ? ? ? 1_555 A G   2  N1 ? ? A C   15  A G   2   6_555 ? ? ? ? ? ? WATSON-CRICK    ?     ? ? 
hydrog33 hydrog ?    ? A C   15 N4    ? ? ? 1_555 A G   2  O6 ? ? A C   15  A G   2   6_555 ? ? ? ? ? ? WATSON-CRICK    ?     ? ? 
hydrog34 hydrog ?    ? A C   15 O2    ? ? ? 1_555 A G   2  N2 ? ? A C   15  A G   2   6_555 ? ? ? ? ? ? WATSON-CRICK    ?     ? ? 
hydrog35 hydrog ?    ? A U   16 N3    ? ? ? 1_555 A A   1  N1 ? ? A U   16  A A   1   6_555 ? ? ? ? ? ? WATSON-CRICK    ?     ? ? 
hydrog36 hydrog ?    ? A U   16 O4    ? ? ? 1_555 A A   1  N6 ? ? A U   16  A A   1   6_555 ? ? ? ? ? ? WATSON-CRICK    ?     ? ? 
# 
loop_
_struct_conn_type.id 
_struct_conn_type.criteria 
_struct_conn_type.reference 
covale ? ? 
metalc ? ? 
hydrog ? ? 
# 
loop_
_pdbx_struct_conn_angle.id 
_pdbx_struct_conn_angle.ptnr1_label_atom_id 
_pdbx_struct_conn_angle.ptnr1_label_alt_id 
_pdbx_struct_conn_angle.ptnr1_label_asym_id 
_pdbx_struct_conn_angle.ptnr1_label_comp_id 
_pdbx_struct_conn_angle.ptnr1_label_seq_id 
_pdbx_struct_conn_angle.ptnr1_auth_atom_id 
_pdbx_struct_conn_angle.ptnr1_auth_asym_id 
_pdbx_struct_conn_angle.ptnr1_auth_comp_id 
_pdbx_struct_conn_angle.ptnr1_auth_seq_id 
_pdbx_struct_conn_angle.ptnr1_PDB_ins_code 
_pdbx_struct_conn_angle.ptnr1_symmetry 
_pdbx_struct_conn_angle.ptnr2_label_atom_id 
_pdbx_struct_conn_angle.ptnr2_label_alt_id 
_pdbx_struct_conn_angle.ptnr2_label_asym_id 
_pdbx_struct_conn_angle.ptnr2_label_comp_id 
_pdbx_struct_conn_angle.ptnr2_label_seq_id 
_pdbx_struct_conn_angle.ptnr2_auth_atom_id 
_pdbx_struct_conn_angle.ptnr2_auth_asym_id 
_pdbx_struct_conn_angle.ptnr2_auth_comp_id 
_pdbx_struct_conn_angle.ptnr2_auth_seq_id 
_pdbx_struct_conn_angle.ptnr2_PDB_ins_code 
_pdbx_struct_conn_angle.ptnr2_symmetry 
_pdbx_struct_conn_angle.ptnr3_label_atom_id 
_pdbx_struct_conn_angle.ptnr3_label_alt_id 
_pdbx_struct_conn_angle.ptnr3_label_asym_id 
_pdbx_struct_conn_angle.ptnr3_label_comp_id 
_pdbx_struct_conn_angle.ptnr3_label_seq_id 
_pdbx_struct_conn_angle.ptnr3_auth_atom_id 
_pdbx_struct_conn_angle.ptnr3_auth_asym_id 
_pdbx_struct_conn_angle.ptnr3_auth_comp_id 
_pdbx_struct_conn_angle.ptnr3_auth_seq_id 
_pdbx_struct_conn_angle.ptnr3_PDB_ins_code 
_pdbx_struct_conn_angle.ptnr3_symmetry 
_pdbx_struct_conn_angle.value 
_pdbx_struct_conn_angle.value_esd 
1  O ? C HOH . ? A HOH 222 ? 1_555 CA ? B CA . ? A CA 101 ? 1_555 O ? C HOH . ? A HOH 229 ? 1_555 142.8 ? 
2  O ? C HOH . ? A HOH 222 ? 1_555 CA ? B CA . ? A CA 101 ? 1_555 O ? C HOH . ? A HOH 235 ? 1_555 83.4  ? 
3  O ? C HOH . ? A HOH 229 ? 1_555 CA ? B CA . ? A CA 101 ? 1_555 O ? C HOH . ? A HOH 235 ? 1_555 122.5 ? 
4  O ? C HOH . ? A HOH 222 ? 1_555 CA ? B CA . ? A CA 101 ? 1_555 O ? C HOH . ? A HOH 237 ? 1_555 80.8  ? 
5  O ? C HOH . ? A HOH 229 ? 1_555 CA ? B CA . ? A CA 101 ? 1_555 O ? C HOH . ? A HOH 237 ? 1_555 76.3  ? 
6  O ? C HOH . ? A HOH 235 ? 1_555 CA ? B CA . ? A CA 101 ? 1_555 O ? C HOH . ? A HOH 237 ? 1_555 161.1 ? 
7  O ? C HOH . ? A HOH 222 ? 1_555 CA ? B CA . ? A CA 101 ? 1_555 O ? C HOH . ? A HOH 238 ? 1_555 130.7 ? 
8  O ? C HOH . ? A HOH 229 ? 1_555 CA ? B CA . ? A CA 101 ? 1_555 O ? C HOH . ? A HOH 238 ? 1_555 50.3  ? 
9  O ? C HOH . ? A HOH 235 ? 1_555 CA ? B CA . ? A CA 101 ? 1_555 O ? C HOH . ? A HOH 238 ? 1_555 74.5  ? 
10 O ? C HOH . ? A HOH 237 ? 1_555 CA ? B CA . ? A CA 101 ? 1_555 O ? C HOH . ? A HOH 238 ? 1_555 123.9 ? 
11 O ? C HOH . ? A HOH 222 ? 1_555 CA ? B CA . ? A CA 101 ? 1_555 O ? C HOH . ? A HOH 250 ? 1_555 71.6  ? 
12 O ? C HOH . ? A HOH 229 ? 1_555 CA ? B CA . ? A CA 101 ? 1_555 O ? C HOH . ? A HOH 250 ? 1_555 131.3 ? 
13 O ? C HOH . ? A HOH 235 ? 1_555 CA ? B CA . ? A CA 101 ? 1_555 O ? C HOH . ? A HOH 250 ? 1_555 84.7  ? 
14 O ? C HOH . ? A HOH 237 ? 1_555 CA ? B CA . ? A CA 101 ? 1_555 O ? C HOH . ? A HOH 250 ? 1_555 80.6  ? 
15 O ? C HOH . ? A HOH 238 ? 1_555 CA ? B CA . ? A CA 101 ? 1_555 O ? C HOH . ? A HOH 250 ? 1_555 145.7 ? 
16 O ? C HOH . ? A HOH 222 ? 1_555 CA ? B CA . ? A CA 101 ? 1_555 O ? C HOH . ? A HOH 251 ? 1_555 142.6 ? 
17 O ? C HOH . ? A HOH 229 ? 1_555 CA ? B CA . ? A CA 101 ? 1_555 O ? C HOH . ? A HOH 251 ? 1_555 71.0  ? 
18 O ? C HOH . ? A HOH 235 ? 1_555 CA ? B CA . ? A CA 101 ? 1_555 O ? C HOH . ? A HOH 251 ? 1_555 86.6  ? 
19 O ? C HOH . ? A HOH 237 ? 1_555 CA ? B CA . ? A CA 101 ? 1_555 O ? C HOH . ? A HOH 251 ? 1_555 99.9  ? 
20 O ? C HOH . ? A HOH 238 ? 1_555 CA ? B CA . ? A CA 101 ? 1_555 O ? C HOH . ? A HOH 251 ? 1_555 80.0  ? 
21 O ? C HOH . ? A HOH 250 ? 1_555 CA ? B CA . ? A CA 101 ? 1_555 O ? C HOH . ? A HOH 251 ? 1_555 71.6  ? 
# 
loop_
_pdbx_validate_close_contact.id 
_pdbx_validate_close_contact.PDB_model_num 
_pdbx_validate_close_contact.auth_atom_id_1 
_pdbx_validate_close_contact.auth_asym_id_1 
_pdbx_validate_close_contact.auth_comp_id_1 
_pdbx_validate_close_contact.auth_seq_id_1 
_pdbx_validate_close_contact.PDB_ins_code_1 
_pdbx_validate_close_contact.label_alt_id_1 
_pdbx_validate_close_contact.auth_atom_id_2 
_pdbx_validate_close_contact.auth_asym_id_2 
_pdbx_validate_close_contact.auth_comp_id_2 
_pdbx_validate_close_contact.auth_seq_id_2 
_pdbx_validate_close_contact.PDB_ins_code_2 
_pdbx_validate_close_contact.label_alt_id_2 
_pdbx_validate_close_contact.dist 
1 1 O A HOH 222 ? ? O A HOH 249 ? ? 1.86 
2 1 O A HOH 210 ? ? O A HOH 246 ? ? 2.08 
# 
loop_
_pdbx_validate_symm_contact.id 
_pdbx_validate_symm_contact.PDB_model_num 
_pdbx_validate_symm_contact.auth_atom_id_1 
_pdbx_validate_symm_contact.auth_asym_id_1 
_pdbx_validate_symm_contact.auth_comp_id_1 
_pdbx_validate_symm_contact.auth_seq_id_1 
_pdbx_validate_symm_contact.PDB_ins_code_1 
_pdbx_validate_symm_contact.label_alt_id_1 
_pdbx_validate_symm_contact.site_symmetry_1 
_pdbx_validate_symm_contact.auth_atom_id_2 
_pdbx_validate_symm_contact.auth_asym_id_2 
_pdbx_validate_symm_contact.auth_comp_id_2 
_pdbx_validate_symm_contact.auth_seq_id_2 
_pdbx_validate_symm_contact.PDB_ins_code_2 
_pdbx_validate_symm_contact.label_alt_id_2 
_pdbx_validate_symm_contact.site_symmetry_2 
_pdbx_validate_symm_contact.dist 
1 1 O A HOH 203 ? ? 1_555 O A HOH 215 ? ? 3_545 1.91 
2 1 O A HOH 215 ? ? 1_555 O A HOH 221 ? ? 5_445 2.09 
# 
_pdbx_validate_rmsd_bond.id                        1 
_pdbx_validate_rmsd_bond.PDB_model_num             1 
_pdbx_validate_rmsd_bond.auth_atom_id_1            C6 
_pdbx_validate_rmsd_bond.auth_asym_id_1            A 
_pdbx_validate_rmsd_bond.auth_comp_id_1            A 
_pdbx_validate_rmsd_bond.auth_seq_id_1             1 
_pdbx_validate_rmsd_bond.PDB_ins_code_1            ? 
_pdbx_validate_rmsd_bond.label_alt_id_1            ? 
_pdbx_validate_rmsd_bond.auth_atom_id_2            N1 
_pdbx_validate_rmsd_bond.auth_asym_id_2            A 
_pdbx_validate_rmsd_bond.auth_comp_id_2            A 
_pdbx_validate_rmsd_bond.auth_seq_id_2             1 
_pdbx_validate_rmsd_bond.PDB_ins_code_2            ? 
_pdbx_validate_rmsd_bond.label_alt_id_2            ? 
_pdbx_validate_rmsd_bond.bond_value                1.308 
_pdbx_validate_rmsd_bond.bond_target_value         1.351 
_pdbx_validate_rmsd_bond.bond_deviation            -0.043 
_pdbx_validate_rmsd_bond.bond_standard_deviation   0.007 
_pdbx_validate_rmsd_bond.linker_flag               N 
# 
loop_
_pdbx_validate_rmsd_angle.id 
_pdbx_validate_rmsd_angle.PDB_model_num 
_pdbx_validate_rmsd_angle.auth_atom_id_1 
_pdbx_validate_rmsd_angle.auth_asym_id_1 
_pdbx_validate_rmsd_angle.auth_comp_id_1 
_pdbx_validate_rmsd_angle.auth_seq_id_1 
_pdbx_validate_rmsd_angle.PDB_ins_code_1 
_pdbx_validate_rmsd_angle.label_alt_id_1 
_pdbx_validate_rmsd_angle.auth_atom_id_2 
_pdbx_validate_rmsd_angle.auth_asym_id_2 
_pdbx_validate_rmsd_angle.auth_comp_id_2 
_pdbx_validate_rmsd_angle.auth_seq_id_2 
_pdbx_validate_rmsd_angle.PDB_ins_code_2 
_pdbx_validate_rmsd_angle.label_alt_id_2 
_pdbx_validate_rmsd_angle.auth_atom_id_3 
_pdbx_validate_rmsd_angle.auth_asym_id_3 
_pdbx_validate_rmsd_angle.auth_comp_id_3 
_pdbx_validate_rmsd_angle.auth_seq_id_3 
_pdbx_validate_rmsd_angle.PDB_ins_code_3 
_pdbx_validate_rmsd_angle.label_alt_id_3 
_pdbx_validate_rmsd_angle.angle_value 
_pdbx_validate_rmsd_angle.angle_target_value 
_pdbx_validate_rmsd_angle.angle_deviation 
_pdbx_validate_rmsd_angle.angle_standard_deviation 
_pdbx_validate_rmsd_angle.linker_flag 
1  1 N1    A A 1  ? ? C2 A A 1  ? ? N3  A A 1  ? ? 132.80 129.30 3.50   0.50 N 
2  1 C2    A A 1  ? ? N3 A A 1  ? ? C4  A A 1  ? ? 106.70 110.60 -3.90  0.50 N 
3  1 N1    A A 1  ? ? C6 A A 1  ? ? N6  A A 1  ? ? 114.07 118.60 -4.53  0.60 N 
4  1 C5    A A 1  ? ? C6 A A 1  ? ? N6  A A 1  ? ? 128.89 123.70 5.19   0.80 N 
5  1 C2    A G 2  ? ? N3 A G 2  ? ? C4  A G 2  ? ? 108.75 111.90 -3.15  0.50 N 
6  1 C5    A A 6  ? ? N7 A A 6  ? ? C8  A A 6  ? ? 100.45 103.90 -3.45  0.50 N 
7  1 "O5'" A G 7  ? ? P  A G 7  ? ? OP2 A G 7  ? ? 91.63  105.70 -14.07 0.90 N 
8  1 "O5'" A U 11 ? ? P  A U 11 ? ? OP2 A U 11 ? ? 99.18  105.70 -6.52  0.90 N 
9  1 N1    A U 14 ? ? C2 A U 14 ? ? N3  A U 14 ? ? 118.64 114.90 3.74   0.60 N 
10 1 C2    A U 14 ? ? N3 A U 14 ? ? C4  A U 14 ? ? 121.66 127.00 -5.34  0.60 N 
11 1 C4    A U 14 ? ? C5 A U 14 ? ? C6  A U 14 ? ? 123.68 119.70 3.98   0.60 N 
12 1 C5    A U 14 ? ? C6 A U 14 ? ? N1  A U 14 ? ? 117.02 122.70 -5.68  0.50 N 
# 
_pdbx_struct_special_symmetry.id              1 
_pdbx_struct_special_symmetry.PDB_model_num   1 
_pdbx_struct_special_symmetry.auth_asym_id    A 
_pdbx_struct_special_symmetry.auth_comp_id    HOH 
_pdbx_struct_special_symmetry.auth_seq_id     206 
_pdbx_struct_special_symmetry.PDB_ins_code    ? 
_pdbx_struct_special_symmetry.label_asym_id   C 
_pdbx_struct_special_symmetry.label_comp_id   HOH 
_pdbx_struct_special_symmetry.label_seq_id    . 
# 
loop_
_space_group_symop.id 
_space_group_symop.operation_xyz 
1  x,y,z                  
2  -y,x-y,z               
3  -x+y,-x,z              
4  x-y,-y,-z              
5  -x,-x+y,-z             
6  y,x,-z                 
7  x+1/3,y+2/3,z+2/3      
8  -y+1/3,x-y+2/3,z+2/3   
9  -x+y+1/3,-x+2/3,z+2/3  
10 x-y+1/3,-y+2/3,-z+2/3  
11 -x+1/3,-x+y+2/3,-z+2/3 
12 y+1/3,x+2/3,-z+2/3     
13 x+2/3,y+1/3,z+1/3      
14 -y+2/3,x-y+1/3,z+1/3   
15 -x+y+2/3,-x+1/3,z+1/3  
16 x-y+2/3,-y+1/3,-z+1/3  
17 -x+2/3,-x+y+1/3,-z+1/3 
18 y+2/3,x+1/3,-z+1/3     
# 
loop_
_chem_comp_atom.comp_id 
_chem_comp_atom.atom_id 
_chem_comp_atom.type_symbol 
_chem_comp_atom.pdbx_aromatic_flag 
_chem_comp_atom.pdbx_stereo_config 
_chem_comp_atom.pdbx_ordinal 
A   OP3    O  N N 1   
A   P      P  N N 2   
A   OP1    O  N N 3   
A   OP2    O  N N 4   
A   "O5'"  O  N N 5   
A   "C5'"  C  N N 6   
A   "C4'"  C  N R 7   
A   "O4'"  O  N N 8   
A   "C3'"  C  N S 9   
A   "O3'"  O  N N 10  
A   "C2'"  C  N R 11  
A   "O2'"  O  N N 12  
A   "C1'"  C  N R 13  
A   N9     N  Y N 14  
A   C8     C  Y N 15  
A   N7     N  Y N 16  
A   C5     C  Y N 17  
A   C6     C  Y N 18  
A   N6     N  N N 19  
A   N1     N  Y N 20  
A   C2     C  Y N 21  
A   N3     N  Y N 22  
A   C4     C  Y N 23  
A   HOP3   H  N N 24  
A   HOP2   H  N N 25  
A   "H5'"  H  N N 26  
A   "H5''" H  N N 27  
A   "H4'"  H  N N 28  
A   "H3'"  H  N N 29  
A   "HO3'" H  N N 30  
A   "H2'"  H  N N 31  
A   "HO2'" H  N N 32  
A   "H1'"  H  N N 33  
A   H8     H  N N 34  
A   H61    H  N N 35  
A   H62    H  N N 36  
A   H2     H  N N 37  
C   OP3    O  N N 38  
C   P      P  N N 39  
C   OP1    O  N N 40  
C   OP2    O  N N 41  
C   "O5'"  O  N N 42  
C   "C5'"  C  N N 43  
C   "C4'"  C  N R 44  
C   "O4'"  O  N N 45  
C   "C3'"  C  N S 46  
C   "O3'"  O  N N 47  
C   "C2'"  C  N R 48  
C   "O2'"  O  N N 49  
C   "C1'"  C  N R 50  
C   N1     N  N N 51  
C   C2     C  N N 52  
C   O2     O  N N 53  
C   N3     N  N N 54  
C   C4     C  N N 55  
C   N4     N  N N 56  
C   C5     C  N N 57  
C   C6     C  N N 58  
C   HOP3   H  N N 59  
C   HOP2   H  N N 60  
C   "H5'"  H  N N 61  
C   "H5''" H  N N 62  
C   "H4'"  H  N N 63  
C   "H3'"  H  N N 64  
C   "HO3'" H  N N 65  
C   "H2'"  H  N N 66  
C   "HO2'" H  N N 67  
C   "H1'"  H  N N 68  
C   H41    H  N N 69  
C   H42    H  N N 70  
C   H5     H  N N 71  
C   H6     H  N N 72  
CA  CA     CA N N 73  
G   OP3    O  N N 74  
G   P      P  N N 75  
G   OP1    O  N N 76  
G   OP2    O  N N 77  
G   "O5'"  O  N N 78  
G   "C5'"  C  N N 79  
G   "C4'"  C  N R 80  
G   "O4'"  O  N N 81  
G   "C3'"  C  N S 82  
G   "O3'"  O  N N 83  
G   "C2'"  C  N R 84  
G   "O2'"  O  N N 85  
G   "C1'"  C  N R 86  
G   N9     N  Y N 87  
G   C8     C  Y N 88  
G   N7     N  Y N 89  
G   C5     C  Y N 90  
G   C6     C  N N 91  
G   O6     O  N N 92  
G   N1     N  N N 93  
G   C2     C  N N 94  
G   N2     N  N N 95  
G   N3     N  N N 96  
G   C4     C  Y N 97  
G   HOP3   H  N N 98  
G   HOP2   H  N N 99  
G   "H5'"  H  N N 100 
G   "H5''" H  N N 101 
G   "H4'"  H  N N 102 
G   "H3'"  H  N N 103 
G   "HO3'" H  N N 104 
G   "H2'"  H  N N 105 
G   "HO2'" H  N N 106 
G   "H1'"  H  N N 107 
G   H8     H  N N 108 
G   H1     H  N N 109 
G   H21    H  N N 110 
G   H22    H  N N 111 
HOH O      O  N N 112 
HOH H1     H  N N 113 
HOH H2     H  N N 114 
N6G P      P  N N 115 
N6G OP1    O  N N 116 
N6G OP2    O  N N 117 
N6G "O5'"  O  N N 118 
N6G "C5'"  C  N N 119 
N6G "C4'"  C  N R 120 
N6G "O4'"  O  N N 121 
N6G "C1'"  C  N R 122 
N6G N9     N  Y N 123 
N6G C4     C  Y N 124 
N6G N3     N  Y N 125 
N6G C2     C  Y N 126 
N6G N2     N  N N 127 
N6G N1     N  Y N 128 
N6G C6     C  Y N 129 
N6G N6     N  N N 130 
N6G C5     C  Y N 131 
N6G N7     N  Y N 132 
N6G C8     C  Y N 133 
N6G "C2'"  C  N R 134 
N6G "O2'"  O  N N 135 
N6G "C3'"  C  N S 136 
N6G "O3'"  O  N N 137 
N6G OP3    O  N N 138 
N6G HOP2   H  N N 139 
N6G "H5'"  H  N N 140 
N6G "H5''" H  N N 141 
N6G "H4'"  H  N N 142 
N6G "H1'"  H  N N 143 
N6G HN21   H  N N 144 
N6G HN22   H  N N 145 
N6G HN61   H  N N 146 
N6G HN62   H  N N 147 
N6G H8     H  N N 148 
N6G "H2'"  H  N N 149 
N6G "HO2'" H  N N 150 
N6G "H3'"  H  N N 151 
N6G "HO3'" H  N N 152 
N6G HOP3   H  N N 153 
U   OP3    O  N N 154 
U   P      P  N N 155 
U   OP1    O  N N 156 
U   OP2    O  N N 157 
U   "O5'"  O  N N 158 
U   "C5'"  C  N N 159 
U   "C4'"  C  N R 160 
U   "O4'"  O  N N 161 
U   "C3'"  C  N S 162 
U   "O3'"  O  N N 163 
U   "C2'"  C  N R 164 
U   "O2'"  O  N N 165 
U   "C1'"  C  N R 166 
U   N1     N  N N 167 
U   C2     C  N N 168 
U   O2     O  N N 169 
U   N3     N  N N 170 
U   C4     C  N N 171 
U   O4     O  N N 172 
U   C5     C  N N 173 
U   C6     C  N N 174 
U   HOP3   H  N N 175 
U   HOP2   H  N N 176 
U   "H5'"  H  N N 177 
U   "H5''" H  N N 178 
U   "H4'"  H  N N 179 
U   "H3'"  H  N N 180 
U   "HO3'" H  N N 181 
U   "H2'"  H  N N 182 
U   "HO2'" H  N N 183 
U   "H1'"  H  N N 184 
U   H3     H  N N 185 
U   H5     H  N N 186 
U   H6     H  N N 187 
# 
loop_
_chem_comp_bond.comp_id 
_chem_comp_bond.atom_id_1 
_chem_comp_bond.atom_id_2 
_chem_comp_bond.value_order 
_chem_comp_bond.pdbx_aromatic_flag 
_chem_comp_bond.pdbx_stereo_config 
_chem_comp_bond.pdbx_ordinal 
A   OP3   P      sing N N 1   
A   OP3   HOP3   sing N N 2   
A   P     OP1    doub N N 3   
A   P     OP2    sing N N 4   
A   P     "O5'"  sing N N 5   
A   OP2   HOP2   sing N N 6   
A   "O5'" "C5'"  sing N N 7   
A   "C5'" "C4'"  sing N N 8   
A   "C5'" "H5'"  sing N N 9   
A   "C5'" "H5''" sing N N 10  
A   "C4'" "O4'"  sing N N 11  
A   "C4'" "C3'"  sing N N 12  
A   "C4'" "H4'"  sing N N 13  
A   "O4'" "C1'"  sing N N 14  
A   "C3'" "O3'"  sing N N 15  
A   "C3'" "C2'"  sing N N 16  
A   "C3'" "H3'"  sing N N 17  
A   "O3'" "HO3'" sing N N 18  
A   "C2'" "O2'"  sing N N 19  
A   "C2'" "C1'"  sing N N 20  
A   "C2'" "H2'"  sing N N 21  
A   "O2'" "HO2'" sing N N 22  
A   "C1'" N9     sing N N 23  
A   "C1'" "H1'"  sing N N 24  
A   N9    C8     sing Y N 25  
A   N9    C4     sing Y N 26  
A   C8    N7     doub Y N 27  
A   C8    H8     sing N N 28  
A   N7    C5     sing Y N 29  
A   C5    C6     sing Y N 30  
A   C5    C4     doub Y N 31  
A   C6    N6     sing N N 32  
A   C6    N1     doub Y N 33  
A   N6    H61    sing N N 34  
A   N6    H62    sing N N 35  
A   N1    C2     sing Y N 36  
A   C2    N3     doub Y N 37  
A   C2    H2     sing N N 38  
A   N3    C4     sing Y N 39  
C   OP3   P      sing N N 40  
C   OP3   HOP3   sing N N 41  
C   P     OP1    doub N N 42  
C   P     OP2    sing N N 43  
C   P     "O5'"  sing N N 44  
C   OP2   HOP2   sing N N 45  
C   "O5'" "C5'"  sing N N 46  
C   "C5'" "C4'"  sing N N 47  
C   "C5'" "H5'"  sing N N 48  
C   "C5'" "H5''" sing N N 49  
C   "C4'" "O4'"  sing N N 50  
C   "C4'" "C3'"  sing N N 51  
C   "C4'" "H4'"  sing N N 52  
C   "O4'" "C1'"  sing N N 53  
C   "C3'" "O3'"  sing N N 54  
C   "C3'" "C2'"  sing N N 55  
C   "C3'" "H3'"  sing N N 56  
C   "O3'" "HO3'" sing N N 57  
C   "C2'" "O2'"  sing N N 58  
C   "C2'" "C1'"  sing N N 59  
C   "C2'" "H2'"  sing N N 60  
C   "O2'" "HO2'" sing N N 61  
C   "C1'" N1     sing N N 62  
C   "C1'" "H1'"  sing N N 63  
C   N1    C2     sing N N 64  
C   N1    C6     sing N N 65  
C   C2    O2     doub N N 66  
C   C2    N3     sing N N 67  
C   N3    C4     doub N N 68  
C   C4    N4     sing N N 69  
C   C4    C5     sing N N 70  
C   N4    H41    sing N N 71  
C   N4    H42    sing N N 72  
C   C5    C6     doub N N 73  
C   C5    H5     sing N N 74  
C   C6    H6     sing N N 75  
G   OP3   P      sing N N 76  
G   OP3   HOP3   sing N N 77  
G   P     OP1    doub N N 78  
G   P     OP2    sing N N 79  
G   P     "O5'"  sing N N 80  
G   OP2   HOP2   sing N N 81  
G   "O5'" "C5'"  sing N N 82  
G   "C5'" "C4'"  sing N N 83  
G   "C5'" "H5'"  sing N N 84  
G   "C5'" "H5''" sing N N 85  
G   "C4'" "O4'"  sing N N 86  
G   "C4'" "C3'"  sing N N 87  
G   "C4'" "H4'"  sing N N 88  
G   "O4'" "C1'"  sing N N 89  
G   "C3'" "O3'"  sing N N 90  
G   "C3'" "C2'"  sing N N 91  
G   "C3'" "H3'"  sing N N 92  
G   "O3'" "HO3'" sing N N 93  
G   "C2'" "O2'"  sing N N 94  
G   "C2'" "C1'"  sing N N 95  
G   "C2'" "H2'"  sing N N 96  
G   "O2'" "HO2'" sing N N 97  
G   "C1'" N9     sing N N 98  
G   "C1'" "H1'"  sing N N 99  
G   N9    C8     sing Y N 100 
G   N9    C4     sing Y N 101 
G   C8    N7     doub Y N 102 
G   C8    H8     sing N N 103 
G   N7    C5     sing Y N 104 
G   C5    C6     sing N N 105 
G   C5    C4     doub Y N 106 
G   C6    O6     doub N N 107 
G   C6    N1     sing N N 108 
G   N1    C2     sing N N 109 
G   N1    H1     sing N N 110 
G   C2    N2     sing N N 111 
G   C2    N3     doub N N 112 
G   N2    H21    sing N N 113 
G   N2    H22    sing N N 114 
G   N3    C4     sing N N 115 
HOH O     H1     sing N N 116 
HOH O     H2     sing N N 117 
N6G P     OP1    doub N N 118 
N6G P     OP2    sing N N 119 
N6G P     "O5'"  sing N N 120 
N6G P     OP3    sing N N 121 
N6G OP2   HOP2   sing N N 122 
N6G "O5'" "C5'"  sing N N 123 
N6G "C5'" "C4'"  sing N N 124 
N6G "C5'" "H5'"  sing N N 125 
N6G "C5'" "H5''" sing N N 126 
N6G "C4'" "O4'"  sing N N 127 
N6G "C4'" "C3'"  sing N N 128 
N6G "C4'" "H4'"  sing N N 129 
N6G "O4'" "C1'"  sing N N 130 
N6G "C1'" N9     sing N N 131 
N6G "C1'" "C2'"  sing N N 132 
N6G "C1'" "H1'"  sing N N 133 
N6G N9    C4     sing Y N 134 
N6G N9    C8     sing Y N 135 
N6G C4    N3     sing Y N 136 
N6G C4    C5     doub Y N 137 
N6G N3    C2     doub Y N 138 
N6G C2    N2     sing N N 139 
N6G C2    N1     sing Y N 140 
N6G N2    HN21   sing N N 141 
N6G N2    HN22   sing N N 142 
N6G N1    C6     doub Y N 143 
N6G C6    N6     sing N N 144 
N6G C6    C5     sing Y N 145 
N6G N6    HN61   sing N N 146 
N6G N6    HN62   sing N N 147 
N6G C5    N7     sing Y N 148 
N6G N7    C8     doub Y N 149 
N6G C8    H8     sing N N 150 
N6G "C2'" "O2'"  sing N N 151 
N6G "C2'" "C3'"  sing N N 152 
N6G "C2'" "H2'"  sing N N 153 
N6G "O2'" "HO2'" sing N N 154 
N6G "C3'" "O3'"  sing N N 155 
N6G "C3'" "H3'"  sing N N 156 
N6G "O3'" "HO3'" sing N N 157 
N6G OP3   HOP3   sing N N 158 
U   OP3   P      sing N N 159 
U   OP3   HOP3   sing N N 160 
U   P     OP1    doub N N 161 
U   P     OP2    sing N N 162 
U   P     "O5'"  sing N N 163 
U   OP2   HOP2   sing N N 164 
U   "O5'" "C5'"  sing N N 165 
U   "C5'" "C4'"  sing N N 166 
U   "C5'" "H5'"  sing N N 167 
U   "C5'" "H5''" sing N N 168 
U   "C4'" "O4'"  sing N N 169 
U   "C4'" "C3'"  sing N N 170 
U   "C4'" "H4'"  sing N N 171 
U   "O4'" "C1'"  sing N N 172 
U   "C3'" "O3'"  sing N N 173 
U   "C3'" "C2'"  sing N N 174 
U   "C3'" "H3'"  sing N N 175 
U   "O3'" "HO3'" sing N N 176 
U   "C2'" "O2'"  sing N N 177 
U   "C2'" "C1'"  sing N N 178 
U   "C2'" "H2'"  sing N N 179 
U   "O2'" "HO2'" sing N N 180 
U   "C1'" N1     sing N N 181 
U   "C1'" "H1'"  sing N N 182 
U   N1    C2     sing N N 183 
U   N1    C6     sing N N 184 
U   C2    O2     doub N N 185 
U   C2    N3     sing N N 186 
U   N3    C4     sing N N 187 
U   N3    H3     sing N N 188 
U   C4    O4     doub N N 189 
U   C4    C5     sing N N 190 
U   C5    C6     doub N N 191 
U   C5    H5     sing N N 192 
U   C6    H6     sing N N 193 
# 
loop_
_ndb_struct_conf_na.entry_id 
_ndb_struct_conf_na.feature 
8TE2 'a-form double helix'  
8TE2 'mismatched base pair' 
# 
loop_
_ndb_struct_na_base_pair.model_number 
_ndb_struct_na_base_pair.i_label_asym_id 
_ndb_struct_na_base_pair.i_label_comp_id 
_ndb_struct_na_base_pair.i_label_seq_id 
_ndb_struct_na_base_pair.i_symmetry 
_ndb_struct_na_base_pair.j_label_asym_id 
_ndb_struct_na_base_pair.j_label_comp_id 
_ndb_struct_na_base_pair.j_label_seq_id 
_ndb_struct_na_base_pair.j_symmetry 
_ndb_struct_na_base_pair.shear 
_ndb_struct_na_base_pair.stretch 
_ndb_struct_na_base_pair.stagger 
_ndb_struct_na_base_pair.buckle 
_ndb_struct_na_base_pair.propeller 
_ndb_struct_na_base_pair.opening 
_ndb_struct_na_base_pair.pair_number 
_ndb_struct_na_base_pair.pair_name 
_ndb_struct_na_base_pair.i_auth_asym_id 
_ndb_struct_na_base_pair.i_auth_seq_id 
_ndb_struct_na_base_pair.i_PDB_ins_code 
_ndb_struct_na_base_pair.j_auth_asym_id 
_ndb_struct_na_base_pair.j_auth_seq_id 
_ndb_struct_na_base_pair.j_PDB_ins_code 
_ndb_struct_na_base_pair.hbond_type_28 
_ndb_struct_na_base_pair.hbond_type_12 
1 A A   1  1_555 A U   16 6_555 0.178  -0.108 0.217  -3.268 -7.437  3.978  1  A_A1:U16_A  A 1  ? A 16 ? 20 1 
1 A G   2  1_555 A C   15 6_555 -0.306 -0.251 -0.042 -4.541 -14.716 -2.221 2  A_G2:C15_A  A 2  ? A 15 ? 19 1 
1 A A   3  1_555 A U   14 6_555 -0.006 -0.145 -0.065 -0.902 -14.285 -0.812 3  A_A3:U14_A  A 3  ? A 14 ? 20 1 
1 A G   4  1_555 A C   13 6_555 -0.289 -0.203 -0.101 -4.721 -11.871 -3.397 4  A_G4:C13_A  A 4  ? A 13 ? 19 1 
1 A A   5  1_555 A U   12 6_555 0.087  -0.216 0.014  -3.506 -7.047  0.360  5  A_A5:U12_A  A 5  ? A 12 ? 20 1 
1 A A   6  1_555 A U   11 6_555 0.023  -0.051 0.004  -2.620 -13.746 1.921  6  A_A6:U11_A  A 6  ? A 11 ? 20 1 
1 A G   7  1_555 A C   10 6_555 -0.177 -0.121 -0.077 -5.792 -11.839 0.893  7  A_G7:C10_A  A 7  ? A 10 ? 19 1 
1 A N6G 8  1_555 A C   9  6_555 -2.217 -0.579 0.227  -0.916 -11.890 4.176  8  A_N6G8:C9_A A 8  ? A 9  ? ?  1 
1 A C   9  1_555 A N6G 8  6_555 2.217  -0.579 0.227  0.916  -11.890 4.176  9  A_C9:N6G8_A A 9  ? A 8  ? ?  1 
1 A C   10 1_555 A G   7  6_555 0.177  -0.121 -0.077 5.792  -11.839 0.893  10 A_C10:G7_A  A 10 ? A 7  ? 19 1 
1 A U   11 1_555 A A   6  6_555 -0.023 -0.051 0.004  2.620  -13.746 1.921  11 A_U11:A6_A  A 11 ? A 6  ? 20 1 
1 A U   12 1_555 A A   5  6_555 -0.087 -0.216 0.014  3.506  -7.047  0.360  12 A_U12:A5_A  A 12 ? A 5  ? 20 1 
1 A C   13 1_555 A G   4  6_555 0.289  -0.203 -0.101 4.721  -11.871 -3.397 13 A_C13:G4_A  A 13 ? A 4  ? 19 1 
1 A U   14 1_555 A A   3  6_555 0.006  -0.145 -0.065 0.902  -14.285 -0.812 14 A_U14:A3_A  A 14 ? A 3  ? 20 1 
1 A C   15 1_555 A G   2  6_555 0.306  -0.251 -0.042 4.541  -14.716 -2.221 15 A_C15:G2_A  A 15 ? A 2  ? 19 1 
1 A U   16 1_555 A A   1  6_555 -0.178 -0.108 0.217  3.268  -7.437  3.978  16 A_U16:A1_A  A 16 ? A 1  ? 20 1 
# 
loop_
_ndb_struct_na_base_pair_step.model_number 
_ndb_struct_na_base_pair_step.i_label_asym_id_1 
_ndb_struct_na_base_pair_step.i_label_comp_id_1 
_ndb_struct_na_base_pair_step.i_label_seq_id_1 
_ndb_struct_na_base_pair_step.i_symmetry_1 
_ndb_struct_na_base_pair_step.j_label_asym_id_1 
_ndb_struct_na_base_pair_step.j_label_comp_id_1 
_ndb_struct_na_base_pair_step.j_label_seq_id_1 
_ndb_struct_na_base_pair_step.j_symmetry_1 
_ndb_struct_na_base_pair_step.i_label_asym_id_2 
_ndb_struct_na_base_pair_step.i_label_comp_id_2 
_ndb_struct_na_base_pair_step.i_label_seq_id_2 
_ndb_struct_na_base_pair_step.i_symmetry_2 
_ndb_struct_na_base_pair_step.j_label_asym_id_2 
_ndb_struct_na_base_pair_step.j_label_comp_id_2 
_ndb_struct_na_base_pair_step.j_label_seq_id_2 
_ndb_struct_na_base_pair_step.j_symmetry_2 
_ndb_struct_na_base_pair_step.shift 
_ndb_struct_na_base_pair_step.slide 
_ndb_struct_na_base_pair_step.rise 
_ndb_struct_na_base_pair_step.tilt 
_ndb_struct_na_base_pair_step.roll 
_ndb_struct_na_base_pair_step.twist 
_ndb_struct_na_base_pair_step.x_displacement 
_ndb_struct_na_base_pair_step.y_displacement 
_ndb_struct_na_base_pair_step.helical_rise 
_ndb_struct_na_base_pair_step.inclination 
_ndb_struct_na_base_pair_step.tip 
_ndb_struct_na_base_pair_step.helical_twist 
_ndb_struct_na_base_pair_step.step_number 
_ndb_struct_na_base_pair_step.step_name 
_ndb_struct_na_base_pair_step.i_auth_asym_id_1 
_ndb_struct_na_base_pair_step.i_auth_seq_id_1 
_ndb_struct_na_base_pair_step.i_PDB_ins_code_1 
_ndb_struct_na_base_pair_step.j_auth_asym_id_1 
_ndb_struct_na_base_pair_step.j_auth_seq_id_1 
_ndb_struct_na_base_pair_step.j_PDB_ins_code_1 
_ndb_struct_na_base_pair_step.i_auth_asym_id_2 
_ndb_struct_na_base_pair_step.i_auth_seq_id_2 
_ndb_struct_na_base_pair_step.i_PDB_ins_code_2 
_ndb_struct_na_base_pair_step.j_auth_asym_id_2 
_ndb_struct_na_base_pair_step.j_auth_seq_id_2 
_ndb_struct_na_base_pair_step.j_PDB_ins_code_2 
1 A A   1  1_555 A U   16 6_555 A G   2  1_555 A C   15 6_555 -0.731 -1.243 3.230 1.194  6.244  32.085 -3.232 1.495  2.914 11.160 
-2.134  32.692 1  AA_A1G2:C15U16_AA   A 1  ? A 16 ? A 2  ? A 15 ? 
1 A G   2  1_555 A C   15 6_555 A A   3  1_555 A U   14 6_555 0.650  -1.271 3.117 1.951  5.693  32.344 -3.147 -0.839 2.890 10.110 
-3.464  32.885 2  AA_G2A3:U14C15_AA   A 2  ? A 15 ? A 3  ? A 14 ? 
1 A A   3  1_555 A U   14 6_555 A G   4  1_555 A C   13 6_555 -0.105 -1.520 3.293 -1.807 12.115 32.804 -4.231 -0.079 2.589 20.579 
3.069   34.957 3  AA_A3G4:C13U14_AA   A 3  ? A 14 ? A 4  ? A 13 ? 
1 A G   4  1_555 A C   13 6_555 A A   5  1_555 A U   12 6_555 0.307  -1.581 3.211 -0.596 8.542  31.784 -4.136 -0.637 2.700 15.253 
1.065   32.888 4  AA_G4A5:U12C13_AA   A 4  ? A 13 ? A 5  ? A 12 ? 
1 A A   5  1_555 A U   12 6_555 A A   6  1_555 A U   11 6_555 0.756  -1.622 3.167 4.306  11.747 32.804 -4.284 -0.671 2.531 19.921 
-7.302  35.048 5  AA_A5A6:U11U12_AA   A 5  ? A 12 ? A 6  ? A 11 ? 
1 A A   6  1_555 A U   11 6_555 A G   7  1_555 A C   10 6_555 -0.201 -2.110 3.284 0.762  10.950 24.230 -7.095 0.611  2.138 24.539 
-1.708  26.566 6  AA_A6G7:C10U11_AA   A 6  ? A 11 ? A 7  ? A 10 ? 
1 A G   7  1_555 A C   10 6_555 A N6G 8  1_555 A C   9  6_555 0.072  -1.945 2.974 -4.453 4.052  24.339 -5.514 -1.300 2.567 9.427  
10.360  25.062 7  AA_G7N6G8:C9C10_AA  A 7  ? A 10 ? A 8  ? A 9  ? 
1 A N6G 8  1_555 A C   9  6_555 A C   9  1_555 A N6G 8  6_555 0.000  -0.797 3.235 0.000  5.263  49.794 -1.314 0.000  3.141 6.230  
0.000   50.054 8  AA_N6G8C9:N6G8C9_AA A 8  ? A 9  ? A 9  ? A 8  ? 
1 A C   9  1_555 A N6G 8  6_555 A C   10 1_555 A G   7  6_555 -0.072 -1.945 2.974 4.453  4.052  24.339 -5.514 1.300  2.567 9.427  
-10.360 25.062 9  AA_C9C10:G7N6G8_AA  A 9  ? A 8  ? A 10 ? A 7  ? 
1 A C   10 1_555 A G   7  6_555 A U   11 1_555 A A   6  6_555 0.201  -2.110 3.284 -0.762 10.950 24.230 -7.095 -0.611 2.138 24.539 
1.708   26.566 10 AA_C10U11:A6G7_AA   A 10 ? A 7  ? A 11 ? A 6  ? 
1 A U   11 1_555 A A   6  6_555 A U   12 1_555 A A   5  6_555 -0.756 -1.622 3.167 -4.306 11.747 32.804 -4.284 0.671  2.531 19.921 
7.302   35.048 11 AA_U11U12:A5A6_AA   A 11 ? A 6  ? A 12 ? A 5  ? 
1 A U   12 1_555 A A   5  6_555 A C   13 1_555 A G   4  6_555 -0.307 -1.581 3.211 0.596  8.542  31.784 -4.136 0.637  2.700 15.253 
-1.065  32.888 12 AA_U12C13:G4A5_AA   A 12 ? A 5  ? A 13 ? A 4  ? 
1 A C   13 1_555 A G   4  6_555 A U   14 1_555 A A   3  6_555 0.105  -1.520 3.293 1.807  12.115 32.804 -4.231 0.079  2.589 20.579 
-3.069  34.957 13 AA_C13U14:A3G4_AA   A 13 ? A 4  ? A 14 ? A 3  ? 
1 A U   14 1_555 A A   3  6_555 A C   15 1_555 A G   2  6_555 -0.650 -1.271 3.117 -1.951 5.693  32.344 -3.147 0.839  2.890 10.110 
3.464   32.885 14 AA_U14C15:G2A3_AA   A 14 ? A 3  ? A 15 ? A 2  ? 
1 A C   15 1_555 A G   2  6_555 A U   16 1_555 A A   1  6_555 0.731  -1.243 3.230 -1.194 6.244  32.085 -3.232 -1.495 2.914 11.160 
2.134   32.692 15 AA_C15U16:A1G2_AA   A 15 ? A 2  ? A 16 ? A 1  ? 
# 
loop_
_pdbx_audit_support.funding_organization 
_pdbx_audit_support.country 
_pdbx_audit_support.grant_number 
_pdbx_audit_support.ordinal 
'National Science Foundation (NSF, United States)' 'United States' 2104708 1 
'Simons Foundation'                                'United States' 290363  2 
# 
_pdbx_initial_refinement_model.id               1 
_pdbx_initial_refinement_model.entity_id_list   ? 
_pdbx_initial_refinement_model.type             'experimental model' 
_pdbx_initial_refinement_model.source_name      PDB 
_pdbx_initial_refinement_model.accession_code   3ND4 
_pdbx_initial_refinement_model.details          ? 
# 
_space_group.name_H-M_alt     'R 3 2 :H' 
_space_group.name_Hall        
;R 3 2"
;
_space_group.IT_number        155 
_space_group.crystal_system   trigonal 
_space_group.id               1 
# 
_atom_sites.entry_id                    8TE2 
_atom_sites.Cartn_transf_matrix[1][1]   ? 
_atom_sites.Cartn_transf_matrix[1][2]   ? 
_atom_sites.Cartn_transf_matrix[1][3]   ? 
_atom_sites.Cartn_transf_matrix[2][1]   ? 
_atom_sites.Cartn_transf_matrix[2][2]   ? 
_atom_sites.Cartn_transf_matrix[2][3]   ? 
_atom_sites.Cartn_transf_matrix[3][1]   ? 
_atom_sites.Cartn_transf_matrix[3][2]   ? 
_atom_sites.Cartn_transf_matrix[3][3]   ? 
_atom_sites.Cartn_transf_vector[1]      ? 
_atom_sites.Cartn_transf_vector[2]      ? 
_atom_sites.Cartn_transf_vector[3]      ? 
_atom_sites.fract_transf_matrix[1][1]   -0.01968346 
_atom_sites.fract_transf_matrix[1][2]   0.01603081 
_atom_sites.fract_transf_matrix[1][3]   -0.01128795 
_atom_sites.fract_transf_matrix[2][1]   0.00511987 
_atom_sites.fract_transf_matrix[2][2]   0.02684742 
_atom_sites.fract_transf_matrix[2][3]   -0.00498978 
_atom_sites.fract_transf_matrix[3][1]   0.00266156 
_atom_sites.fract_transf_matrix[3][2]   -0.00186149 
_atom_sites.fract_transf_matrix[3][3]   -0.00728475 
_atom_sites.fract_transf_vector[1]      -0.023862 
_atom_sites.fract_transf_vector[2]      -0.435403 
_atom_sites.fract_transf_vector[3]      0.011221 
_atom_sites.solution_primary            ? 
_atom_sites.solution_secondary          ? 
_atom_sites.solution_hydrogens          ? 
_atom_sites.special_details             ? 
# 
loop_
_atom_type.symbol 
_atom_type.scat_dispersion_real 
_atom_type.scat_dispersion_imag 
_atom_type.scat_Cromer_Mann_a1 
_atom_type.scat_Cromer_Mann_a2 
_atom_type.scat_Cromer_Mann_a3 
_atom_type.scat_Cromer_Mann_a4 
_atom_type.scat_Cromer_Mann_b1 
_atom_type.scat_Cromer_Mann_b2 
_atom_type.scat_Cromer_Mann_b3 
_atom_type.scat_Cromer_Mann_b4 
_atom_type.scat_Cromer_Mann_c 
_atom_type.scat_source 
_atom_type.scat_dispersion_source 
C  ? ? 3.54356  2.42580 ? ? 25.62398 1.50364  ? ? 0.0 
;2-Gaussian fit: Grosse-Kunstleve RW, Sauter NK, Adams PD: Newsletter of the IUCr Commission on Crystallographic Computing 2004, 3, 22-31.
;
? 
CA ? ? 16.26893 3.65395 ? ? 3.58509  77.28589 ? ? 0.0 
;2-Gaussian fit: Grosse-Kunstleve RW, Sauter NK, Adams PD: Newsletter of the IUCr Commission on Crystallographic Computing 2004, 3, 22-31.
;
? 
N  ? ? 4.01032  2.96436 ? ? 19.97189 1.75589  ? ? 0.0 
;2-Gaussian fit: Grosse-Kunstleve RW, Sauter NK, Adams PD: Newsletter of the IUCr Commission on Crystallographic Computing 2004, 3, 22-31.
;
? 
O  ? ? 4.49882  3.47563 ? ? 15.80542 1.70748  ? ? 0.0 
;2-Gaussian fit: Grosse-Kunstleve RW, Sauter NK, Adams PD: Newsletter of the IUCr Commission on Crystallographic Computing 2004, 3, 22-31.
;
? 
P  ? ? 9.51135  5.44231 ? ? 1.42069  35.72801 ? ? 0.0 
;2-Gaussian fit: Grosse-Kunstleve RW, Sauter NK, Adams PD: Newsletter of the IUCr Commission on Crystallographic Computing 2004, 3, 22-31.
;
? 
# 
loop_
_atom_site.group_PDB 
_atom_site.id 
_atom_site.type_symbol 
_atom_site.label_atom_id 
_atom_site.label_alt_id 
_atom_site.label_comp_id 
_atom_site.label_asym_id 
_atom_site.label_entity_id 
_atom_site.label_seq_id 
_atom_site.pdbx_PDB_ins_code 
_atom_site.Cartn_x 
_atom_site.Cartn_y 
_atom_site.Cartn_z 
_atom_site.occupancy 
_atom_site.B_iso_or_equiv 
_atom_site.pdbx_formal_charge 
_atom_site.auth_seq_id 
_atom_site.auth_comp_id 
_atom_site.auth_asym_id 
_atom_site.auth_atom_id 
_atom_site.pdbx_PDB_model_num 
ATOM   1   O  "O5'" . A   A 1 1  ? 0.77845   5.80257   17.99089  1.000 24.27045 ? 1   A   A "O5'" 1 
ATOM   2   C  "C5'" . A   A 1 1  ? 1.88861   5.19851   18.62793  1.000 18.10383 ? 1   A   A "C5'" 1 
ATOM   3   C  "C4'" . A   A 1 1  ? 1.49667   3.93679   19.37230  1.000 19.06235 ? 1   A   A "C4'" 1 
ATOM   4   O  "O4'" . A   A 1 1  ? 0.58497   4.25437   20.44929  1.000 22.20128 ? 1   A   A "O4'" 1 
ATOM   5   C  "C3'" . A   A 1 1  ? 0.78545   2.84680   18.56726  1.000 17.71409 ? 1   A   A "C3'" 1 
ATOM   6   O  "O3'" . A   A 1 1  ? 1.72345   2.01169   17.88104  1.000 22.58617 ? 1   A   A "O3'" 1 
ATOM   7   C  "C2'" . A   A 1 1  ? 0.00117   2.10225   19.62413  1.000 24.07215 ? 1   A   A "C2'" 1 
ATOM   8   O  "O2'" . A   A 1 1  ? 0.88169   1.23544   20.35399  1.000 23.15141 ? 1   A   A "O2'" 1 
ATOM   9   C  "C1'" . A   A 1 1  ? -0.40161  3.25199   20.55527  1.000 20.91204 ? 1   A   A "C1'" 1 
ATOM   10  N  N9    . A   A 1 1  ? -1.63552  3.93133   20.16883  1.000 16.75117 ? 1   A   A N9    1 
ATOM   11  C  C8    . A   A 1 1  ? -1.67370  5.21914   19.71993  1.000 18.58964 ? 1   A   A C8    1 
ATOM   12  N  N7    . A   A 1 1  ? -2.88853  5.64533   19.49601  1.000 17.86076 ? 1   A   A N7    1 
ATOM   13  C  C5    . A   A 1 1  ? -3.68736  4.54215   19.86905  1.000 16.66967 ? 1   A   A C5    1 
ATOM   14  C  C6    . A   A 1 1  ? -5.09306  4.36500   19.90083  1.000 16.71973 ? 1   A   A C6    1 
ATOM   15  N  N6    . A   A 1 1  ? -6.05562  5.22869   19.56236  1.000 17.40194 ? 1   A   A N6    1 
ATOM   16  N  N1    . A   A 1 1  ? -5.53704  3.20427   20.30881  1.000 16.85967 ? 1   A   A N1    1 
ATOM   17  C  C2    . A   A 1 1  ? -4.63949  2.28875   20.70719  1.000 16.11722 ? 1   A   A C2    1 
ATOM   18  N  N3    . A   A 1 1  ? -3.31668  2.28320   20.74405  1.000 18.78040 ? 1   A   A N3    1 
ATOM   19  C  C4    . A   A 1 1  ? -2.91114  3.48871   20.29356  1.000 16.87498 ? 1   A   A C4    1 
ATOM   20  P  P     . G   A 1 2  ? 1.34836   1.35185   16.48916  1.000 21.36303 ? 2   G   A P     1 
ATOM   21  O  OP1   . G   A 1 2  ? 2.64833   0.84059   15.97928  1.000 25.40187 ? 2   G   A OP1   1 
ATOM   22  O  OP2   . G   A 1 2  ? 0.61467   2.39503   15.74454  1.000 20.83756 ? 2   G   A OP2   1 
ATOM   23  O  "O5'" . G   A 1 2  ? 0.34963   0.14875   16.80308  1.000 22.56962 ? 2   G   A "O5'" 1 
ATOM   24  C  "C5'" . G   A 1 2  ? 0.72860   -0.95567  17.55960  1.000 19.26551 ? 2   G   A "C5'" 1 
ATOM   25  C  "C4'" . G   A 1 2  ? -0.48522  -1.78486  17.82697  1.000 23.49601 ? 2   G   A "C4'" 1 
ATOM   26  O  "O4'" . G   A 1 2  ? -1.35385  -1.10425  18.78345  1.000 22.05293 ? 2   G   A "O4'" 1 
ATOM   27  C  "C3'" . G   A 1 2  ? -1.38467  -2.03369  16.62732  1.000 20.01002 ? 2   G   A "C3'" 1 
ATOM   28  O  "O3'" . G   A 1 2  ? -0.87095  -3.04772  15.76233  1.000 23.78576 ? 2   G   A "O3'" 1 
ATOM   29  C  "C2'" . G   A 1 2  ? -2.71611  -2.34833  17.28884  1.000 22.97854 ? 2   G   A "C2'" 1 
ATOM   30  O  "O2'" . G   A 1 2  ? -2.75222  -3.65266  17.86207  1.000 22.57901 ? 2   G   A "O2'" 1 
ATOM   31  C  "C1'" . G   A 1 2  ? -2.70841  -1.33650  18.42857  1.000 21.02536 ? 2   G   A "C1'" 1 
ATOM   32  N  N9    . G   A 1 2  ? -3.30238  -0.08283  17.99131  1.000 15.92761 ? 2   G   A N9    1 
ATOM   33  C  C8    . G   A 1 2  ? -2.68792  1.05454   17.53272  1.000 17.97821 ? 2   G   A C8    1 
ATOM   34  N  N7    . G   A 1 2  ? -3.53830  1.98211   17.23619  1.000 17.98810 ? 2   G   A N7    1 
ATOM   35  C  C5    . G   A 1 2  ? -4.79560  1.42559   17.49488  1.000 18.29216 ? 2   G   A C5    1 
ATOM   36  C  C6    . G   A 1 2  ? -6.10794  1.97621   17.35269  1.000 17.13907 ? 2   G   A C6    1 
ATOM   37  O  O6    . G   A 1 2  ? -6.46969  3.09383   17.00744  1.000 18.36808 ? 2   G   A O6    1 
ATOM   38  N  N1    . G   A 1 2  ? -7.10709  1.08380   17.68698  1.000 15.81767 ? 2   G   A N1    1 
ATOM   39  C  C2    . G   A 1 2  ? -6.86170  -0.19803  18.12152  1.000 13.75900 ? 2   G   A C2    1 
ATOM   40  N  N2    . G   A 1 2  ? -8.00608  -0.86360  18.35213  1.000 21.62398 ? 2   G   A N2    1 
ATOM   41  N  N3    . G   A 1 2  ? -5.65284  -0.77925  18.27805  1.000 15.03972 ? 2   G   A N3    1 
ATOM   42  C  C4    . G   A 1 2  ? -4.68053  0.12285   17.92437  1.000 16.61353 ? 2   G   A C4    1 
ATOM   43  P  P     . A   A 1 3  ? -1.17735  -3.03353  14.19882  1.000 22.86133 ? 3   A   A P     1 
ATOM   44  O  OP1   . A   A 1 3  ? -0.47131  -4.24636  13.66454  1.000 25.26491 ? 3   A   A OP1   1 
ATOM   45  O  OP2   . A   A 1 3  ? -0.83961  -1.65001  13.70669  1.000 19.37743 ? 3   A   A OP2   1 
ATOM   46  O  "O5'" . A   A 1 3  ? -2.74322  -3.27579  14.08130  1.000 21.25970 ? 3   A   A "O5'" 1 
ATOM   47  C  "C5'" . A   A 1 3  ? -3.32430  -4.49637  14.54985  1.000 21.74338 ? 3   A   A "C5'" 1 
ATOM   48  C  "C4'" . A   A 1 3  ? -4.83047  -4.40070  14.59693  1.000 19.62819 ? 3   A   A "C4'" 1 
ATOM   49  O  "O4'" . A   A 1 3  ? -5.19800  -3.32598  15.47828  1.000 20.12483 ? 3   A   A "O4'" 1 
ATOM   50  C  "C3'" . A   A 1 3  ? -5.53830  -4.04469  13.29539  1.000 18.03494 ? 3   A   A "C3'" 1 
ATOM   51  O  "O3'" . A   A 1 3  ? -5.67830  -5.15320  12.43797  1.000 21.32817 ? 3   A   A "O3'" 1 
ATOM   52  C  "C2'" . A   A 1 3  ? -6.86667  -3.49256  13.81032  1.000 17.40741 ? 3   A   A "C2'" 1 
ATOM   53  O  "O2'" . A   A 1 3  ? -7.69088  -4.55982  14.26514  1.000 21.15767 ? 3   A   A "O2'" 1 
ATOM   54  C  "C1'" . A   A 1 3  ? -6.37432  -2.69790  15.01697  1.000 20.28773 ? 3   A   A "C1'" 1 
ATOM   55  N  N9    . A   A 1 3  ? -6.04492  -1.26697  14.70173  1.000 16.48747 ? 3   A   A N9    1 
ATOM   56  C  C8    . A   A 1 3  ? -4.86343  -0.64880  14.46438  1.000 19.49915 ? 3   A   A C8    1 
ATOM   57  N  N7    . A   A 1 3  ? -5.00547  0.62421   14.17729  1.000 19.36307 ? 3   A   A N7    1 
ATOM   58  C  C5    . A   A 1 3  ? -6.36969  0.86512   14.31961  1.000 19.41932 ? 3   A   A C5    1 
ATOM   59  C  C6    . A   A 1 3  ? -7.20492  1.97058   14.21144  1.000 11.81583 ? 3   A   A C6    1 
ATOM   60  N  N6    . A   A 1 3  ? -6.73746  3.18770   13.94657  1.000 17.34152 ? 3   A   A N6    1 
ATOM   61  N  N1    . A   A 1 3  ? -8.56212  1.82657   14.38956  1.000 15.55931 ? 3   A   A N1    1 
ATOM   62  C  C2    . A   A 1 3  ? -9.04157  0.61004   14.65997  1.000 17.62603 ? 3   A   A C2    1 
ATOM   63  N  N3    . A   A 1 3  ? -8.34172  -0.51889  14.82692  1.000 18.74858 ? 3   A   A N3    1 
ATOM   64  C  C4    . A   A 1 3  ? -7.02120  -0.31331  14.61997  1.000 16.13737 ? 3   A   A C4    1 
ATOM   65  P  P     . G   A 1 4  ? -5.87495  -4.86328  10.88063  1.000 23.33569 ? 4   G   A P     1 
ATOM   66  O  OP1   . G   A 1 4  ? -5.79379  -6.23658  10.32377  1.000 30.17884 ? 4   G   A OP1   1 
ATOM   67  O  OP2   . G   A 1 4  ? -4.91538  -3.84118  10.43853  1.000 22.52548 ? 4   G   A OP2   1 
ATOM   68  O  "O5'" . G   A 1 4  ? -7.33706  -4.27646  10.74177  1.000 23.58187 ? 4   G   A "O5'" 1 
ATOM   69  C  "C5'" . G   A 1 4  ? -8.48510  -5.09532  10.93014  1.000 17.14844 ? 4   G   A "C5'" 1 
ATOM   70  C  "C4'" . G   A 1 4  ? -9.70873  -4.25299  10.74672  1.000 19.85788 ? 4   G   A "C4'" 1 
ATOM   71  O  "O4'" . G   A 1 4  ? -9.69000  -3.20858  11.74373  1.000 20.37334 ? 4   G   A "O4'" 1 
ATOM   72  C  "C3'" . G   A 1 4  ? -9.78290  -3.47071  9.44489   1.000 18.82394 ? 4   G   A "C3'" 1 
ATOM   73  O  "O3'" . G   A 1 4  ? -10.14230 -4.29956  8.35855   1.000 26.90590 ? 4   G   A "O3'" 1 
ATOM   74  C  "C2'" . G   A 1 4  ? -10.75677 -2.34474  9.82209   1.000 21.86019 ? 4   G   A "C2'" 1 
ATOM   75  O  "O2'" . G   A 1 4  ? -12.09442 -2.79228  9.92418   1.000 29.70923 ? 4   G   A "O2'" 1 
ATOM   76  C  "C1'" . G   A 1 4  ? -10.26526 -2.02920  11.21719  1.000 20.85161 ? 4   G   A "C1'" 1 
ATOM   77  N  N9    . G   A 1 4  ? -9.25936  -0.95862  11.20636  1.000 17.78575 ? 4   G   A N9    1 
ATOM   78  C  C8    . G   A 1 4  ? -7.90803  -0.97137  11.28525  1.000 20.86940 ? 4   G   A C8    1 
ATOM   79  N  N7    . G   A 1 4  ? -7.33635  0.19674   11.19628  1.000 21.53287 ? 4   G   A N7    1 
ATOM   80  C  C5    . G   A 1 4  ? -8.42299  1.03907   11.08129  1.000 17.49478 ? 4   G   A C5    1 
ATOM   81  C  C6    . G   A 1 4  ? -8.41670  2.44272   10.96493  1.000 19.20041 ? 4   G   A C6    1 
ATOM   82  O  O6    . G   A 1 4  ? -7.42099  3.19009   10.93872  1.000 20.68819 ? 4   G   A O6    1 
ATOM   83  N  N1    . G   A 1 4  ? -9.72778  2.90460   10.83652  1.000 16.78151 ? 4   G   A N1    1 
ATOM   84  C  C2    . G   A 1 4  ? -10.86419 2.14403   10.79381  1.000 17.54910 ? 4   G   A C2    1 
ATOM   85  N  N2    . G   A 1 4  ? -12.00899 2.83539   10.59761  1.000 20.60432 ? 4   G   A N2    1 
ATOM   86  N  N3    . G   A 1 4  ? -10.87535 0.82567   10.88904  1.000 21.27959 ? 4   G   A N3    1 
ATOM   87  C  C4    . G   A 1 4  ? -9.60226  0.36740   11.03911  1.000 18.99587 ? 4   G   A C4    1 
ATOM   88  P  P     . A   A 1 5  ? -9.71876  -3.88869  6.87639   1.000 25.56012 ? 5   A   A P     1 
ATOM   89  O  OP1   . A   A 1 5  ? -10.18363 -5.02832  6.01738   1.000 33.62039 ? 5   A   A OP1   1 
ATOM   90  O  OP2   . A   A 1 5  ? -8.31384  -3.47361  6.88730   1.000 23.31428 ? 5   A   A OP2   1 
ATOM   91  O  "O5'" . A   A 1 5  ? -10.52560 -2.54203  6.63558   1.000 25.86449 ? 5   A   A "O5'" 1 
ATOM   92  C  "C5'" . A   A 1 5  ? -11.92777 -2.52082  6.47030   1.000 22.01499 ? 5   A   A "C5'" 1 
ATOM   93  C  "C4'" . A   A 1 5  ? -12.36181 -1.11220  6.17098   1.000 24.03764 ? 5   A   A "C4'" 1 
ATOM   94  O  "O4'" . A   A 1 5  ? -12.12901 -0.26583  7.30853   1.000 17.56436 ? 5   A   A "O4'" 1 
ATOM   95  C  "C3'" . A   A 1 5  ? -11.62011 -0.39663  5.05530   1.000 23.44383 ? 5   A   A "C3'" 1 
ATOM   96  O  "O3'" . A   A 1 5  ? -12.06887 -0.79998  3.79170   1.000 28.61653 ? 5   A   A "O3'" 1 
ATOM   97  C  "C2'" . A   A 1 5  ? -11.93399 1.04203   5.34345   1.000 21.50779 ? 5   A   A "C2'" 1 
ATOM   98  O  "O2'" . A   A 1 5  ? -13.28861 1.32842   4.97455   1.000 19.36369 ? 5   A   A "O2'" 1 
ATOM   99  C  "C1'" . A   A 1 5  ? -11.81117 1.04194   6.86747   1.000 20.87436 ? 5   A   A "C1'" 1 
ATOM   100 N  N9    . A   A 1 5  ? -10.41511 1.37413   7.24503   1.000 15.43229 ? 5   A   A N9    1 
ATOM   101 C  C8    . A   A 1 5  ? -9.36605  0.57713   7.56521   1.000 17.84078 ? 5   A   A C8    1 
ATOM   102 N  N7    . A   A 1 5  ? -8.26027  1.25495   7.76259   1.000 20.47896 ? 5   A   A N7    1 
ATOM   103 C  C5    . A   A 1 5  ? -8.64627  2.59245   7.63813   1.000 18.33624 ? 5   A   A C5    1 
ATOM   104 C  C6    . A   A 1 5  ? -7.96899  3.83277   7.76993   1.000 18.18317 ? 5   A   A C6    1 
ATOM   105 N  N6    . A   A 1 5  ? -6.66961  3.95585   8.07945   1.000 22.22776 ? 5   A   A N6    1 
ATOM   106 N  N1    . A   A 1 5  ? -8.68761  4.95124   7.50732   1.000 19.03652 ? 5   A   A N1    1 
ATOM   107 C  C2    . A   A 1 5  ? -9.99302  4.87420   7.19718   1.000 18.70811 ? 5   A   A C2    1 
ATOM   108 N  N3    . A   A 1 5  ? -10.72890 3.78744   7.07327   1.000 20.14117 ? 5   A   A N3    1 
ATOM   109 C  C4    . A   A 1 5  ? -9.95685  2.67165   7.26457   1.000 17.85017 ? 5   A   A C4    1 
ATOM   110 P  P     . A   A 1 6  ? -11.07161 -0.81307  2.57289   1.000 23.33972 ? 6   A   A P     1 
ATOM   111 O  OP1   . A   A 1 6  ? -11.80456 -1.51797  1.46959   1.000 29.95476 ? 6   A   A OP1   1 
ATOM   112 O  OP2   . A   A 1 6  ? -9.68362  -1.25816  2.86520   1.000 25.28413 ? 6   A   A OP2   1 
ATOM   113 O  "O5'" . A   A 1 6  ? -10.83706 0.71350   2.11097   1.000 17.27394 ? 6   A   A "O5'" 1 
ATOM   114 C  "C5'" . A   A 1 6  ? -11.90457 1.51371   1.66109   1.000 18.89386 ? 6   A   A "C5'" 1 
ATOM   115 C  "C4'" . A   A 1 6  ? -11.56874 2.98858   1.69556   1.000 19.27067 ? 6   A   A "C4'" 1 
ATOM   116 O  "O4'" . A   A 1 6  ? -11.30633 3.45750   3.05439   1.000 18.83698 ? 6   A   A "O4'" 1 
ATOM   117 C  "C3'" . A   A 1 6  ? -10.36289 3.46346   0.92767   1.000 20.88181 ? 6   A   A "C3'" 1 
ATOM   118 O  "O3'" . A   A 1 6  ? -10.70462 3.50308   -0.42225  1.000 21.47251 ? 6   A   A "O3'" 1 
ATOM   119 C  "C2'" . A   A 1 6  ? -10.17474 4.84802   1.52095   1.000 20.64395 ? 6   A   A "C2'" 1 
ATOM   120 O  "O2'" . A   A 1 6  ? -11.21840 5.69716   1.06037   1.000 22.00622 ? 6   A   A "O2'" 1 
ATOM   121 C  "C1'" . A   A 1 6  ? -10.40580 4.53909   2.99799   1.000 15.38085 ? 6   A   A "C1'" 1 
ATOM   122 N  N9    . A   A 1 6  ? -9.12785  4.09773   3.61537   1.000 17.25004 ? 6   A   A N9    1 
ATOM   123 C  C8    . A   A 1 6  ? -8.65315  2.83982   3.83768   1.000 19.25985 ? 6   A   A C8    1 
ATOM   124 N  N7    . A   A 1 6  ? -7.46194  2.75736   4.38214   1.000 22.33622 ? 6   A   A N7    1 
ATOM   125 C  C5    . A   A 1 6  ? -7.14639  4.11643   4.50997   1.000 17.43165 ? 6   A   A C5    1 
ATOM   126 C  C6    . A   A 1 6  ? -6.02777  4.74955   5.04573   1.000 21.42457 ? 6   A   A C6    1 
ATOM   127 N  N6    . A   A 1 6  ? -4.94653  4.09730   5.50398   1.000 23.28574 ? 6   A   A N6    1 
ATOM   128 N  N1    . A   A 1 6  ? -6.02108  6.10489   5.01462   1.000 23.88227 ? 6   A   A N1    1 
ATOM   129 C  C2    . A   A 1 6  ? -7.09595  6.76209   4.54408   1.000 16.45027 ? 6   A   A C2    1 
ATOM   130 N  N3    . A   A 1 6  ? -8.20281  6.28033   4.01975   1.000 18.95571 ? 6   A   A N3    1 
ATOM   131 C  C4    . A   A 1 6  ? -8.14121  4.93650   4.05405   1.000 20.75939 ? 6   A   A C4    1 
ATOM   132 P  P     . G   A 1 7  ? -9.61586  3.32651   -1.59826  1.000 23.45574 ? 7   G   A P     1 
ATOM   133 O  OP1   . G   A 1 7  ? -10.35257 3.38563   -2.90353  1.000 28.93284 ? 7   G   A OP1   1 
ATOM   134 O  OP2   . G   A 1 7  ? -8.57883  2.38711   -1.26867  1.000 19.49139 ? 7   G   A OP2   1 
ATOM   135 O  "O5'" . G   A 1 7  ? -8.58654  4.57475   -1.48020  1.000 24.39883 ? 7   G   A "O5'" 1 
ATOM   136 C  "C5'" . G   A 1 7  ? -8.92608  5.82139   -1.98149  1.000 25.86083 ? 7   G   A "C5'" 1 
ATOM   137 C  "C4'" . G   A 1 7  ? -8.00307  6.91613   -1.52257  1.000 24.28305 ? 7   G   A "C4'" 1 
ATOM   138 O  "O4'" . G   A 1 7  ? -7.93078  6.98949   -0.08712  1.000 21.78158 ? 7   G   A "O4'" 1 
ATOM   139 C  "C3'" . G   A 1 7  ? -6.55247  6.91388   -1.92877  1.000 19.83739 ? 7   G   A "C3'" 1 
ATOM   140 O  "O3'" . G   A 1 7  ? -6.38468  7.19845   -3.32418  1.000 22.10572 ? 7   G   A "O3'" 1 
ATOM   141 C  "C2'" . G   A 1 7  ? -6.04557  8.02862   -1.03623  1.000 22.27037 ? 7   G   A "C2'" 1 
ATOM   142 O  "O2'" . G   A 1 7  ? -6.59730  9.26938   -1.50378  1.000 21.72955 ? 7   G   A "O2'" 1 
ATOM   143 C  "C1'" . G   A 1 7  ? -6.74498  7.64621   0.27176   1.000 21.60981 ? 7   G   A "C1'" 1 
ATOM   144 N  N9    . G   A 1 7  ? -5.92166  6.68974   1.00744   1.000 14.98617 ? 7   G   A N9    1 
ATOM   145 C  C8    . G   A 1 7  ? -6.09506  5.32812   1.17778   1.000 17.80763 ? 7   G   A C8    1 
ATOM   146 N  N7    . G   A 1 7  ? -5.11787  4.77155   1.85821   1.000 18.87862 ? 7   G   A N7    1 
ATOM   147 C  C5    . G   A 1 7  ? -4.28218  5.85076   2.19209   1.000 21.02998 ? 7   G   A C5    1 
ATOM   148 C  C6    . G   A 1 7  ? -3.07219  5.90879   2.92389   1.000 18.58534 ? 7   G   A C6    1 
ATOM   149 O  O6    . G   A 1 7  ? -2.43410  4.99321   3.48370   1.000 20.23879 ? 7   G   A O6    1 
ATOM   150 N  N1    . G   A 1 7  ? -2.55382  7.20857   2.97970   1.000 20.73257 ? 7   G   A N1    1 
ATOM   151 C  C2    . G   A 1 7  ? -3.15731  8.29933   2.42394   1.000 19.93301 ? 7   G   A C2    1 
ATOM   152 N  N2    . G   A 1 7  ? -2.51806  9.47820   2.56105   1.000 18.14766 ? 7   G   A N2    1 
ATOM   153 N  N3    . G   A 1 7  ? -4.28333  8.25193   1.74852   1.000 23.10487 ? 7   G   A N3    1 
ATOM   154 C  C4    . G   A 1 7  ? -4.76203  7.01778   1.64158   1.000 19.52952 ? 7   G   A C4    1 
HETATM 155 P  P     . N6G A 1 8  ? -4.97002  6.93630   -4.04764  1.000 23.29028 ? 8   N6G A P     1 
HETATM 156 O  OP1   . N6G A 1 8  ? -5.27470  7.17912   -5.45689  1.000 26.85123 ? 8   N6G A OP1   1 
HETATM 157 O  OP2   . N6G A 1 8  ? -4.39241  5.64036   -3.64131  1.000 21.36516 ? 8   N6G A OP2   1 
HETATM 158 O  "O5'" . N6G A 1 8  ? -4.02073  8.08297   -3.49252  1.000 23.17968 ? 8   N6G A "O5'" 1 
HETATM 159 C  "C5'" . N6G A 1 8  ? -4.22097  9.44283   -3.83511  1.000 22.98766 ? 8   N6G A "C5'" 1 
HETATM 160 C  "C4'" . N6G A 1 8  ? -3.19004  10.29574  -3.12551  1.000 26.80910 ? 8   N6G A "C4'" 1 
HETATM 161 O  "O4'" . N6G A 1 8  ? -3.20809  9.96229   -1.72139  1.000 27.00269 ? 8   N6G A "O4'" 1 
HETATM 162 C  "C1'" . N6G A 1 8  ? -1.89797  10.08206  -1.18213  1.000 22.59744 ? 8   N6G A "C1'" 1 
HETATM 163 N  N9    . N6G A 1 8  ? -1.46739  8.77494   -0.62906  1.000 24.78298 ? 8   N6G A N9    1 
HETATM 164 C  C4    . N6G A 1 8  ? -0.36081  8.62588   0.15349   1.000 20.42588 ? 8   N6G A C4    1 
HETATM 165 N  N3    . N6G A 1 8  ? 0.57549   9.52437   0.48855   1.000 23.92464 ? 8   N6G A N3    1 
HETATM 166 C  C2    . N6G A 1 8  ? 1.56538   8.89297   1.25102   1.000 20.70465 ? 8   N6G A C2    1 
HETATM 167 N  N2    . N6G A 1 8  ? 2.64378   9.66082   1.73996   1.000 21.21968 ? 8   N6G A N2    1 
HETATM 168 N  N1    . N6G A 1 8  ? 1.54751   7.56999   1.60503   1.000 22.07020 ? 8   N6G A N1    1 
HETATM 169 C  C6    . N6G A 1 8  ? 0.61225   6.74256   1.21528   1.000 20.38766 ? 8   N6G A C6    1 
HETATM 170 N  N6    . N6G A 1 8  ? 0.64906   5.35465   1.61040   1.000 21.79796 ? 8   N6G A N6    1 
HETATM 171 C  C5    . N6G A 1 8  ? -0.37067  7.25707   0.47652   1.000 21.18925 ? 8   N6G A C5    1 
HETATM 172 N  N7    . N6G A 1 8  ? -1.56988  6.63030   -0.12468  1.000 21.86938 ? 8   N6G A N7    1 
HETATM 173 C  C8    . N6G A 1 8  ? -2.14779  7.67301   -0.78070  1.000 18.50718 ? 8   N6G A C8    1 
HETATM 174 C  "C2'" . N6G A 1 8  ? -0.99488  10.58282  -2.29858  1.000 28.16909 ? 8   N6G A "C2'" 1 
HETATM 175 O  "O2'" . N6G A 1 8  ? -1.03785  12.00656  -2.27060  1.000 28.62565 ? 8   N6G A "O2'" 1 
HETATM 176 C  "C3'" . N6G A 1 8  ? -1.73246  10.07012  -3.51464  1.000 21.58079 ? 8   N6G A "C3'" 1 
HETATM 177 O  "O3'" . N6G A 1 8  ? -1.37919  10.80627  -4.65576  1.000 27.34721 ? 8   N6G A "O3'" 1 
ATOM   178 P  P     . C   A 1 9  ? -0.44237  10.14147  -5.74455  1.000 30.02246 ? 9   C   A P     1 
ATOM   179 O  OP1   . C   A 1 9  ? -0.38901  11.19981  -6.78096  1.000 31.07094 ? 9   C   A OP1   1 
ATOM   180 O  OP2   . C   A 1 9  ? -0.81340  8.75321   -6.07150  1.000 27.93223 ? 9   C   A OP2   1 
ATOM   181 O  "O5'" . C   A 1 9  ? 0.96227   9.98477   -5.05800  1.000 25.62098 ? 9   C   A "O5'" 1 
ATOM   182 C  "C5'" . C   A 1 9  ? 1.70373   11.11626  -4.67900  1.000 23.15064 ? 9   C   A "C5'" 1 
ATOM   183 C  "C4'" . C   A 1 9  ? 2.78964   10.70435  -3.74214  1.000 24.90400 ? 9   C   A "C4'" 1 
ATOM   184 O  "O4'" . C   A 1 9  ? 2.21782   10.04384  -2.59838  1.000 32.10026 ? 9   C   A "O4'" 1 
ATOM   185 C  "C3'" . C   A 1 9  ? 3.73051   9.66257   -4.28843  1.000 24.25930 ? 9   C   A "C3'" 1 
ATOM   186 O  "O3'" . C   A 1 9  ? 4.68102   10.22466  -5.12031  1.000 29.37758 ? 9   C   A "O3'" 1 
ATOM   187 C  "C2'" . C   A 1 9  ? 4.32647   9.08050   -3.03715  1.000 28.39897 ? 9   C   A "C2'" 1 
ATOM   188 O  "O2'" . C   A 1 9  ? 5.26781   9.99182   -2.48127  1.000 30.29005 ? 9   C   A "O2'" 1 
ATOM   189 C  "C1'" . C   A 1 9  ? 3.09908   9.05304   -2.13682  1.000 28.17801 ? 9   C   A "C1'" 1 
ATOM   190 N  N1    . C   A 1 9  ? 2.37404   7.77908   -2.17873  1.000 20.41365 ? 9   C   A N1    1 
ATOM   191 C  C2    . C   A 1 9  ? 2.87148   6.78443   -1.38692  1.000 21.10856 ? 9   C   A C2    1 
ATOM   192 O  O2    . C   A 1 9  ? 3.91524   7.03151   -0.78858  1.000 22.23843 ? 9   C   A O2    1 
ATOM   193 N  N3    . C   A 1 9  ? 2.22228   5.60511   -1.28541  1.000 23.29668 ? 9   C   A N3    1 
ATOM   194 C  C4    . C   A 1 9  ? 1.13014   5.43030   -2.01517  1.000 25.40315 ? 9   C   A C4    1 
ATOM   195 N  N4    . C   A 1 9  ? 0.54562   4.25753   -1.94494  1.000 25.45582 ? 9   C   A N4    1 
ATOM   196 C  C5    . C   A 1 9  ? 0.56176   6.45664   -2.82409  1.000 24.05048 ? 9   C   A C5    1 
ATOM   197 C  C6    . C   A 1 9  ? 1.23041   7.61074   -2.85581  1.000 19.40709 ? 9   C   A C6    1 
ATOM   198 P  P     . C   A 1 10 ? 5.29387   9.36847   -6.31902  1.000 30.24610 ? 10  C   A P     1 
ATOM   199 O  OP1   . C   A 1 10 ? 5.98169   10.39725  -7.15723  1.000 30.75822 ? 10  C   A OP1   1 
ATOM   200 O  OP2   . C   A 1 10 ? 4.29277   8.45969   -6.93134  1.000 29.92511 ? 10  C   A OP2   1 
ATOM   201 O  "O5'" . C   A 1 10 ? 6.38557   8.44519   -5.61708  1.000 34.31818 ? 10  C   A "O5'" 1 
ATOM   202 C  "C5'" . C   A 1 10 ? 7.54106   9.00164   -5.05058  1.000 34.68386 ? 10  C   A "C5'" 1 
ATOM   203 C  "C4'" . C   A 1 10 ? 8.25107   7.99575   -4.19449  1.000 27.71442 ? 10  C   A "C4'" 1 
ATOM   204 O  "O4'" . C   A 1 10 ? 7.37719   7.57767   -3.11233  1.000 28.65863 ? 10  C   A "O4'" 1 
ATOM   205 C  "C3'" . C   A 1 10 ? 8.61731   6.68281   -4.84662  1.000 22.69843 ? 10  C   A "C3'" 1 
ATOM   206 O  "O3'" . C   A 1 10 ? 9.74629   6.75714   -5.70624  1.000 37.46194 ? 10  C   A "O3'" 1 
ATOM   207 C  "C2'" . C   A 1 10 ? 8.85740   5.81442   -3.63279  1.000 22.10986 ? 10  C   A "C2'" 1 
ATOM   208 O  "O2'" . C   A 1 10 ? 10.04691  6.24563   -3.00445  1.000 33.56165 ? 10  C   A "O2'" 1 
ATOM   209 C  "C1'" . C   A 1 10 ? 7.68291   6.24433   -2.76430  1.000 28.85390 ? 10  C   A "C1'" 1 
ATOM   210 N  N1    . C   A 1 10 ? 6.48849   5.41374   -2.99640  1.000 24.25760 ? 10  C   A N1    1 
ATOM   211 C  C2    . C   A 1 10 ? 6.44231   4.23953   -2.21379  1.000 21.50335 ? 10  C   A C2    1 
ATOM   212 O  O2    . C   A 1 10 ? 7.37607   4.00223   -1.45414  1.000 24.05436 ? 10  C   A O2    1 
ATOM   213 N  N3    . C   A 1 10 ? 5.39448   3.39217   -2.31633  1.000 20.59875 ? 10  C   A N3    1 
ATOM   214 C  C4    . C   A 1 10 ? 4.42167   3.69797   -3.14747  1.000 22.16368 ? 10  C   A C4    1 
ATOM   215 N  N4    . C   A 1 10 ? 3.42223   2.81191   -3.17943  1.000 21.99936 ? 10  C   A N4    1 
ATOM   216 C  C5    . C   A 1 10 ? 4.43839   4.86907   -3.98137  1.000 22.16110 ? 10  C   A C5    1 
ATOM   217 C  C6    . C   A 1 10 ? 5.48720   5.71443   -3.86456  1.000 20.09877 ? 10  C   A C6    1 
ATOM   218 P  P     . U   A 1 11 ? 9.84225   5.75067   -6.94063  1.000 36.07549 ? 11  U   A P     1 
ATOM   219 O  OP1   . U   A 1 11 ? 11.00990  6.14300   -7.77513  1.000 38.78472 ? 11  U   A OP1   1 
ATOM   220 O  OP2   . U   A 1 11 ? 8.53753   5.46282   -7.55223  1.000 31.30747 ? 11  U   A OP2   1 
ATOM   221 O  "O5'" . U   A 1 11 ? 10.14879  4.32621   -6.31674  1.000 32.47483 ? 11  U   A "O5'" 1 
ATOM   222 C  "C5'" . U   A 1 11 ? 11.34834  4.10912   -5.61906  1.000 29.28199 ? 11  U   A "C5'" 1 
ATOM   223 C  "C4'" . U   A 1 11 ? 11.25946  2.85937   -4.79838  1.000 28.59038 ? 11  U   A "C4'" 1 
ATOM   224 O  "O4'" . U   A 1 11 ? 10.06450  2.87378   -3.96831  1.000 26.02689 ? 11  U   A "O4'" 1 
ATOM   225 C  "C3'" . U   A 1 11 ? 11.15189  1.52916   -5.53069  1.000 23.16564 ? 11  U   A "C3'" 1 
ATOM   226 O  "O3'" . U   A 1 11 ? 12.37842  1.11356   -6.11396  1.000 25.18237 ? 11  U   A "O3'" 1 
ATOM   227 C  "C2'" . U   A 1 11 ? 10.69859  0.62166   -4.40988  1.000 21.40827 ? 11  U   A "C2'" 1 
ATOM   228 O  "O2'" . U   A 1 11 ? 11.78741  0.37705   -3.53166  1.000 28.99955 ? 11  U   A "O2'" 1 
ATOM   229 C  "C1'" . U   A 1 11 ? 9.70725   1.53396   -3.67493  1.000 21.76382 ? 11  U   A "C1'" 1 
ATOM   230 N  N1    . U   A 1 11 ? 8.32907   1.28210   -4.10710  1.000 22.99262 ? 11  U   A N1    1 
ATOM   231 C  C2    . U   A 1 11 ? 7.75150   0.10710   -3.61428  1.000 18.65668 ? 11  U   A C2    1 
ATOM   232 O  O2    . U   A 1 11 ? 8.33352   -0.67371  -2.91586  1.000 26.08914 ? 11  U   A O2    1 
ATOM   233 N  N3    . U   A 1 11 ? 6.46802   -0.08981  -3.95382  1.000 21.83754 ? 11  U   A N3    1 
ATOM   234 C  C4    . U   A 1 11 ? 5.67820   0.69870   -4.74218  1.000 22.44262 ? 11  U   A C4    1 
ATOM   235 O  O4    . U   A 1 11 ? 4.50035   0.35660   -4.97580  1.000 27.27094 ? 11  U   A O4    1 
ATOM   236 C  C5    . U   A 1 11 ? 6.32911   1.87974   -5.24500  1.000 19.56390 ? 11  U   A C5    1 
ATOM   237 C  C6    . U   A 1 11 ? 7.60619   2.14204   -4.85090  1.000 19.31352 ? 11  U   A C6    1 
ATOM   238 P  P     . U   A 1 12 ? 12.44904  0.21007   -7.43056  1.000 26.30433 ? 12  U   A P     1 
ATOM   239 O  OP1   . U   A 1 12 ? 13.90095  0.32404   -7.80835  1.000 29.66735 ? 12  U   A OP1   1 
ATOM   240 O  OP2   . U   A 1 12 ? 11.32585  0.54724   -8.36088  1.000 25.35460 ? 12  U   A OP2   1 
ATOM   241 O  "O5'" . U   A 1 12 ? 12.21578  -1.26230  -6.91682  1.000 22.81956 ? 12  U   A "O5'" 1 
ATOM   242 C  "C5'" . U   A 1 12 ? 13.18297  -1.87128  -6.09936  1.000 17.57564 ? 12  U   A "C5'" 1 
ATOM   243 C  "C4'" . U   A 1 12 ? 12.72517  -3.23008  -5.68776  1.000 18.42136 ? 12  U   A "C4'" 1 
ATOM   244 O  "O4'" . U   A 1 12 ? 11.56195  -3.12105  -4.81437  1.000 22.48955 ? 12  U   A "O4'" 1 
ATOM   245 C  "C3'" . U   A 1 12 ? 12.24392  -4.09495  -6.82969  1.000 20.09242 ? 12  U   A "C3'" 1 
ATOM   246 O  "O3'" . U   A 1 12 ? 13.31390  -4.68621  -7.50269  1.000 26.39830 ? 12  U   A "O3'" 1 
ATOM   247 C  "C2'" . U   A 1 12 ? 11.35476  -5.08814  -6.12752  1.000 20.56476 ? 12  U   A "C2'" 1 
ATOM   248 O  "O2'" . U   A 1 12 ? 12.14160  -5.98593  -5.36303  1.000 25.39265 ? 12  U   A "O2'" 1 
ATOM   249 C  "C1'" . U   A 1 12 ? 10.66239  -4.16439  -5.10734  1.000 20.17441 ? 12  U   A "C1'" 1 
ATOM   250 N  N1    . U   A 1 12 ? 9.42114   -3.54680  -5.60434  1.000 20.51617 ? 12  U   A N1    1 
ATOM   251 C  C2    . U   A 1 12 ? 8.27938   -4.33670  -5.47522  1.000 15.75795 ? 12  U   A C2    1 
ATOM   252 O  O2    . U   A 1 12 ? 8.36175   -5.51176  -5.09996  1.000 21.88337 ? 12  U   A O2    1 
ATOM   253 N  N3    . U   A 1 12 ? 7.07619   -3.78608  -5.84771  1.000 19.96670 ? 12  U   A N3    1 
ATOM   254 C  C4    . U   A 1 12 ? 6.91578   -2.52270  -6.29129  1.000 19.40041 ? 12  U   A C4    1 
ATOM   255 O  O4    . U   A 1 12 ? 5.79428   -2.17373  -6.61821  1.000 22.54173 ? 12  U   A O4    1 
ATOM   256 C  C5    . U   A 1 12 ? 8.13487   -1.75051  -6.39228  1.000 27.34355 ? 12  U   A C5    1 
ATOM   257 C  C6    . U   A 1 12 ? 9.32551   -2.25270  -6.02155  1.000 25.17851 ? 12  U   A C6    1 
ATOM   258 P  P     . C   A 1 13 ? 13.17598  -4.99990  -9.04142  1.000 23.19315 ? 13  C   A P     1 
ATOM   259 O  OP1   . C   A 1 13 ? 14.52837  -5.45028  -9.47391  1.000 28.14665 ? 13  C   A OP1   1 
ATOM   260 O  OP2   . C   A 1 13 ? 12.56300  -3.89828  -9.79147  1.000 23.99270 ? 13  C   A OP2   1 
ATOM   261 O  "O5'" . C   A 1 13 ? 12.13291  -6.19313  -9.09488  1.000 21.14777 ? 13  C   A "O5'" 1 
ATOM   262 C  "C5'" . C   A 1 13 ? 12.52871  -7.49114  -8.77607  1.000 20.56151 ? 13  C   A "C5'" 1 
ATOM   263 C  "C4'" . C   A 1 13 ? 11.34242  -8.41936  -8.66589  1.000 22.80720 ? 13  C   A "C4'" 1 
ATOM   264 O  "O4'" . C   A 1 13 ? 10.31833  -7.86621  -7.75835  1.000 18.30258 ? 13  C   A "O4'" 1 
ATOM   265 C  "C3'" . C   A 1 13 ? 10.60260  -8.65058  -9.94843  1.000 21.04097 ? 13  C   A "C3'" 1 
ATOM   266 O  "O3'" . C   A 1 13 ? 11.26168  -9.59106  -10.78456 1.000 21.28006 ? 13  C   A "O3'" 1 
ATOM   267 C  "C2'" . C   A 1 13 ? 9.25042   -9.11543  -9.44610  1.000 16.80080 ? 13  C   A "C2'" 1 
ATOM   268 O  "O2'" . C   A 1 13 ? 9.36736   -10.44938 -8.96974  1.000 19.94319 ? 13  C   A "O2'" 1 
ATOM   269 C  "C1'" . C   A 1 13 ? 9.05002   -8.21657  -8.22086  1.000 19.94102 ? 13  C   A "C1'" 1 
ATOM   270 N  N1    . C   A 1 13 ? 8.26677   -6.98556  -8.51083  1.000 19.43790 ? 13  C   A N1    1 
ATOM   271 C  C2    . C   A 1 13 ? 6.88467   -7.17022  -8.54438  1.000 20.05625 ? 13  C   A C2    1 
ATOM   272 O  O2    . C   A 1 13 ? 6.46243   -8.33194  -8.36949  1.000 21.76378 ? 13  C   A O2    1 
ATOM   273 N  N3    . C   A 1 13 ? 6.07236   -6.13302  -8.84004  1.000 20.71785 ? 13  C   A N3    1 
ATOM   274 C  C4    . C   A 1 13 ? 6.60971   -4.93625  -9.04133  1.000 16.57677 ? 13  C   A C4    1 
ATOM   275 N  N4    . C   A 1 13 ? 5.77283   -3.91619  -9.27451  1.000 21.72366 ? 13  C   A N4    1 
ATOM   276 C  C5    . C   A 1 13 ? 8.03847   -4.70013  -9.02785  1.000 21.42604 ? 13  C   A C5    1 
ATOM   277 C  C6    . C   A 1 13 ? 8.82045   -5.77648  -8.80664  1.000 19.76021 ? 13  C   A C6    1 
ATOM   278 P  P     . U   A 1 14 ? 11.08764  -9.47527  -12.37552 1.000 23.20169 ? 14  U   A P     1 
ATOM   279 O  OP1   . U   A 1 14 ? 11.99326  -10.49512 -12.98709 1.000 24.22454 ? 14  U   A OP1   1 
ATOM   280 O  OP2   . U   A 1 14 ? 11.10784  -8.03587  -12.84551 1.000 18.74765 ? 14  U   A OP2   1 
ATOM   281 O  "O5'" . U   A 1 14 ? 9.58628   -9.92795  -12.64486 1.000 19.45789 ? 14  U   A "O5'" 1 
ATOM   282 C  "C5'" . U   A 1 14 ? 9.23083   -11.28360 -12.42101 1.000 16.46996 ? 14  U   A "C5'" 1 
ATOM   283 C  "C4'" . U   A 1 14 ? 7.76277   -11.51666 -12.62159 1.000 16.11939 ? 14  U   A "C4'" 1 
ATOM   284 O  "O4'" . U   A 1 14 ? 7.02919   -10.71092 -11.65275 1.000 21.01081 ? 14  U   A "O4'" 1 
ATOM   285 C  "C3'" . U   A 1 14 ? 7.12996   -11.10731 -13.93763 1.000 20.19737 ? 14  U   A "C3'" 1 
ATOM   286 O  "O3'" . U   A 1 14 ? 7.31799   -12.06481 -14.95152 1.000 18.65303 ? 14  U   A "O3'" 1 
ATOM   287 C  "C2'" . U   A 1 14 ? 5.67646   -11.02751 -13.54470 1.000 18.41717 ? 14  U   A "C2'" 1 
ATOM   288 O  "O2'" . U   A 1 14 ? 5.16296   -12.34683 -13.27056 1.000 17.64568 ? 14  U   A "O2'" 1 
ATOM   289 C  "C1'" . U   A 1 14 ? 5.79590   -10.32632 -12.21244 1.000 19.03596 ? 14  U   A "C1'" 1 
ATOM   290 N  N1    . U   A 1 14 ? 5.79063   -8.85604  -12.30009 1.000 17.22446 ? 14  U   A N1    1 
ATOM   291 C  C2    . U   A 1 14 ? 4.54496   -8.22777  -12.33311 1.000 17.90045 ? 14  U   A C2    1 
ATOM   292 O  O2    . U   A 1 14 ? 3.52395   -8.87368  -12.41956 1.000 18.32274 ? 14  U   A O2    1 
ATOM   293 N  N3    . U   A 1 14 ? 4.50050   -6.86528  -12.34451 1.000 18.69512 ? 14  U   A N3    1 
ATOM   294 C  C4    . U   A 1 14 ? 5.65300   -6.09959  -12.27851 1.000 21.22631 ? 14  U   A C4    1 
ATOM   295 O  O4    . U   A 1 14 ? 5.56008   -4.88395  -12.29047 1.000 20.24953 ? 14  U   A O4    1 
ATOM   296 C  C5    . U   A 1 14 ? 6.88655   -6.82106  -12.25953 1.000 16.45947 ? 14  U   A C5    1 
ATOM   297 C  C6    . U   A 1 14 ? 6.96513   -8.15767  -12.19552 1.000 13.78500 ? 14  U   A C6    1 
ATOM   298 P  P     . C   A 1 15 ? 7.17566   -11.72208 -16.49566 1.000 19.38921 ? 15  C   A P     1 
ATOM   299 O  OP1   . C   A 1 15 ? 7.63191   -12.95125 -17.22542 1.000 24.26431 ? 15  C   A OP1   1 
ATOM   300 O  OP2   . C   A 1 15 ? 7.87896   -10.40692 -16.65203 1.000 24.09449 ? 15  C   A OP2   1 
ATOM   301 O  "O5'" . C   A 1 15 ? 5.63416   -11.50806 -16.80543 1.000 18.99521 ? 15  C   A "O5'" 1 
ATOM   302 C  "C5'" . C   A 1 15 ? 4.72876   -12.59043 -16.62649 1.000 18.63452 ? 15  C   A "C5'" 1 
ATOM   303 C  "C4'" . C   A 1 15 ? 3.30134   -12.12747 -16.70889 1.000 20.46271 ? 15  C   A "C4'" 1 
ATOM   304 O  "O4'" . C   A 1 15 ? 3.02015   -11.17924 -15.66280 1.000 22.50973 ? 15  C   A "O4'" 1 
ATOM   305 C  "C3'" . C   A 1 15 ? 2.95981   -11.37526 -17.97335 1.000 20.97820 ? 15  C   A "C3'" 1 
ATOM   306 O  "O3'" . C   A 1 15 ? 2.69966   -12.24342 -19.05846 1.000 22.66357 ? 15  C   A "O3'" 1 
ATOM   307 C  "C2'" . C   A 1 15 ? 1.75505   -10.55394 -17.54683 1.000 20.26532 ? 15  C   A "C2'" 1 
ATOM   308 O  "O2'" . C   A 1 15 ? 0.61915   -11.38741 -17.39561 1.000 23.06756 ? 15  C   A "O2'" 1 
ATOM   309 C  "C1'" . C   A 1 15 ? 2.16572   -10.16596 -16.14870 1.000 21.10907 ? 15  C   A "C1'" 1 
ATOM   310 N  N1    . C   A 1 15 ? 2.89155   -8.88804  -16.09101 1.000 18.68126 ? 15  C   A N1    1 
ATOM   311 C  C2    . C   A 1 15 ? 2.10589   -7.71970  -16.00899 1.000 19.02452 ? 15  C   A C2    1 
ATOM   312 O  O2    . C   A 1 15 ? 0.86008   -7.80984  -16.17923 1.000 23.72278 ? 15  C   A O2    1 
ATOM   313 N  N3    . C   A 1 15 ? 2.75558   -6.53799  -15.83774 1.000 17.46068 ? 15  C   A N3    1 
ATOM   314 C  C4    . C   A 1 15 ? 4.08065   -6.49430  -15.68075 1.000 20.57251 ? 15  C   A C4    1 
ATOM   315 N  N4    . C   A 1 15 ? 4.72839   -5.33507  -15.53282 1.000 16.62772 ? 15  C   A N4    1 
ATOM   316 C  C5    . C   A 1 15 ? 4.88265   -7.66395  -15.77843 1.000 18.28761 ? 15  C   A C5    1 
ATOM   317 C  C6    . C   A 1 15 ? 4.26250   -8.82915  -15.96544 1.000 18.34462 ? 15  C   A C6    1 
ATOM   318 P  P     . U   A 1 16 ? 3.06158   -11.75817 -20.52161 1.000 21.80433 ? 16  U   A P     1 
ATOM   319 O  OP1   . U   A 1 16 ? 2.70950   -12.88545 -21.42491 1.000 30.49867 ? 16  U   A OP1   1 
ATOM   320 O  OP2   . U   A 1 16 ? 4.46020   -11.27413 -20.58929 1.000 19.78889 ? 16  U   A OP2   1 
ATOM   321 O  "O5'" . U   A 1 16 ? 2.08750   -10.52837 -20.86367 1.000 21.11363 ? 16  U   A "O5'" 1 
ATOM   322 C  "C5'" . U   A 1 16 ? 0.71070   -10.73487 -21.12384 1.000 21.90805 ? 16  U   A "C5'" 1 
ATOM   323 C  "C4'" . U   A 1 16 ? -0.04163  -9.43064  -21.16692 1.000 21.99419 ? 16  U   A "C4'" 1 
ATOM   324 O  "O4'" . U   A 1 16 ? 0.12533   -8.68557  -19.92489 1.000 20.86551 ? 16  U   A "O4'" 1 
ATOM   325 C  "C3'" . U   A 1 16 ? 0.43530   -8.46085  -22.21725 1.000 23.11438 ? 16  U   A "C3'" 1 
ATOM   326 O  "O3'" . U   A 1 16 ? 0.06328   -8.80856  -23.55329 1.000 24.32161 ? 16  U   A "O3'" 1 
ATOM   327 C  "C2'" . U   A 1 16 ? -0.08594  -7.12791  -21.70077 1.000 19.72755 ? 16  U   A "C2'" 1 
ATOM   328 O  "O2'" . U   A 1 16 ? -1.50043  -6.97145  -21.85172 1.000 23.54323 ? 16  U   A "O2'" 1 
ATOM   329 C  "C1'" . U   A 1 16 ? 0.16487   -7.29032  -20.20814 1.000 17.78811 ? 16  U   A "C1'" 1 
ATOM   330 N  N1    . U   A 1 16 ? 1.46977   -6.73132  -19.77302 1.000 17.62950 ? 16  U   A N1    1 
ATOM   331 C  C2    . U   A 1 16 ? 1.50810   -5.34525  -19.54307 1.000 18.53466 ? 16  U   A C2    1 
ATOM   332 O  O2    . U   A 1 16 ? 0.52645   -4.61085  -19.72111 1.000 18.96803 ? 16  U   A O2    1 
ATOM   333 N  N3    . U   A 1 16 ? 2.71004   -4.84383  -19.10141 1.000 16.15302 ? 16  U   A N3    1 
ATOM   334 C  C4    . U   A 1 16 ? 3.87043   -5.61530  -18.90370 1.000 20.37410 ? 16  U   A C4    1 
ATOM   335 O  O4    . U   A 1 16 ? 4.88334   -5.05902  -18.56554 1.000 18.53327 ? 16  U   A O4    1 
ATOM   336 C  C5    . U   A 1 16 ? 3.77024   -7.01657  -19.20313 1.000 19.39545 ? 16  U   A C5    1 
ATOM   337 C  C6    . U   A 1 16 ? 2.59675   -7.53848  -19.59474 1.000 17.67087 ? 16  U   A C6    1 
HETATM 338 CA CA    . CA  B 2 .  ? -3.11919  1.92563   12.74037  1.000 24.56246 ? 101 CA  A CA    1 
HETATM 339 O  O     . HOH C 3 .  ? 12.11197  -12.60695 -12.52795 0.330 21.54284 ? 201 HOH A O     1 
HETATM 340 O  O     . HOH C 3 .  ? 12.75167  -11.79524 -14.60550 1.000 26.43686 ? 202 HOH A O     1 
HETATM 341 O  O     . HOH C 3 .  ? 6.68879   -10.46508 -7.82234  1.000 27.37157 ? 203 HOH A O     1 
HETATM 342 O  O     . HOH C 3 .  ? -11.92901 6.05466   -1.14190  0.330 19.33259 ? 204 HOH A O     1 
HETATM 343 O  O     . HOH C 3 .  ? 0.82275   11.41926  -8.78869  1.000 30.55537 ? 205 HOH A O     1 
HETATM 344 O  O     . HOH C 3 .  ? -11.35863 5.01056   -4.28344  0.330 27.35574 ? 206 HOH A O     1 
HETATM 345 O  O     . HOH C 3 .  ? 2.85281   -14.21847 -23.36486 1.000 29.07611 ? 207 HOH A O     1 
HETATM 346 O  O     . HOH C 3 .  ? -7.11103  2.33167   0.59498   1.000 32.17374 ? 208 HOH A O     1 
HETATM 347 O  O     . HOH C 3 .  ? 16.09778  -3.91060  -10.40421 1.000 39.61172 ? 209 HOH A O     1 
HETATM 348 O  O     . HOH C 3 .  ? -4.68482  -8.11670  9.19941   1.000 35.58341 ? 210 HOH A O     1 
HETATM 349 O  O     . HOH C 3 .  ? 11.12517  -11.95498 -9.84081  0.330 17.74525 ? 211 HOH A O     1 
HETATM 350 O  O     . HOH C 3 .  ? 7.02392   -2.84467  -12.67663 1.000 28.71591 ? 212 HOH A O     1 
HETATM 351 O  O     . HOH C 3 .  ? -3.50443  7.93477   -7.14866  1.000 35.44909 ? 213 HOH A O     1 
HETATM 352 O  O     . HOH C 3 .  ? 7.35409   -5.87236  -18.52460 1.000 28.05038 ? 214 HOH A O     1 
HETATM 353 O  O     . HOH C 3 .  ? 11.80744  -8.41790  -4.49630  1.000 32.94167 ? 215 HOH A O     1 
HETATM 354 O  O     . HOH C 3 .  ? -6.14139  -2.70304  8.11496   1.000 31.11672 ? 216 HOH A O     1 
HETATM 355 O  O     . HOH C 3 .  ? 0.38118   -6.77514  -25.16910 1.000 34.89680 ? 217 HOH A O     1 
HETATM 356 O  O     . HOH C 3 .  ? 0.93651   2.02442   -0.60781  1.000 31.67782 ? 218 HOH A O     1 
HETATM 357 O  O     . HOH C 3 .  ? -0.17547  -11.19223 -24.72881 1.000 24.16926 ? 219 HOH A O     1 
HETATM 358 O  O     . HOH C 3 .  ? 4.72311   1.52806   14.43807  1.000 38.75550 ? 220 HOH A O     1 
HETATM 359 O  O     . HOH C 3 .  ? -13.11332 4.23069   5.89245   1.000 31.83168 ? 221 HOH A O     1 
HETATM 360 O  O     . HOH C 3 .  ? -3.87951  3.05157   14.65862  1.000 21.56390 ? 222 HOH A O     1 
HETATM 361 O  O     . HOH C 3 .  ? -6.01555  -0.23552  7.37355   1.000 26.98821 ? 223 HOH A O     1 
HETATM 362 O  O     . HOH C 3 .  ? 5.11536   10.27075  2.79146   1.000 35.45858 ? 224 HOH A O     1 
HETATM 363 O  O     . HOH C 3 .  ? -7.74924  10.33026  -3.77631  1.000 26.67443 ? 225 HOH A O     1 
HETATM 364 O  O     . HOH C 3 .  ? -4.48575  2.10983   2.25004   1.000 30.10980 ? 226 HOH A O     1 
HETATM 365 O  O     . HOH C 3 .  ? 16.09948  0.25397   -9.50368  1.000 36.22474 ? 227 HOH A O     1 
HETATM 366 O  O     . HOH C 3 .  ? -6.38836  -8.89459  10.92055  1.000 39.14842 ? 228 HOH A O     1 
HETATM 367 O  O     . HOH C 3 .  ? -2.50457  -0.43681  11.82485  1.000 26.13309 ? 229 HOH A O     1 
HETATM 368 O  O     . HOH C 3 .  ? 10.45189  -1.84907  -9.59263  1.000 26.52196 ? 230 HOH A O     1 
HETATM 369 O  O     . HOH C 3 .  ? -4.83495  5.35046   16.29564  1.000 22.34653 ? 231 HOH A O     1 
HETATM 370 O  O     . HOH C 3 .  ? 6.05745   -14.97934 -14.05725 1.000 23.73736 ? 232 HOH A O     1 
HETATM 371 O  O     . HOH C 3 .  ? -7.54315  0.46756   1.96283   1.000 33.57682 ? 233 HOH A O     1 
HETATM 372 O  O     . HOH C 3 .  ? -7.40415  -7.42913  14.52144  1.000 35.34590 ? 234 HOH A O     1 
HETATM 373 O  O     . HOH C 3 .  ? -4.60753  3.34130   11.64951  1.000 25.63792 ? 235 HOH A O     1 
HETATM 374 O  O     . HOH C 3 .  ? 7.64066   -5.17001  -15.37521 1.000 31.74947 ? 236 HOH A O     1 
HETATM 375 O  O     . HOH C 3 .  ? -1.58415  1.13118   14.26656  1.000 22.99302 ? 237 HOH A O     1 
HETATM 376 O  O     . HOH C 3 .  ? -4.39277  0.41692   11.03681  1.000 27.41586 ? 238 HOH A O     1 
HETATM 377 O  O     . HOH C 3 .  ? 7.08240   -1.36689  -10.03086 1.000 33.46563 ? 239 HOH A O     1 
HETATM 378 O  O     . HOH C 3 .  ? -2.29635  -0.28558  21.81646  1.000 35.82207 ? 240 HOH A O     1 
HETATM 379 O  O     . HOH C 3 .  ? -3.90406  8.32157   18.66809  1.000 31.28313 ? 241 HOH A O     1 
HETATM 380 O  O     . HOH C 3 .  ? -6.88697  7.74870   18.20374  1.000 38.96519 ? 242 HOH A O     1 
HETATM 381 O  O     . HOH C 3 .  ? 4.78918   -0.26784  -8.68986  1.000 33.49421 ? 243 HOH A O     1 
HETATM 382 O  O     . HOH C 3 .  ? -3.89586  11.87355  1.41904   1.000 36.69723 ? 244 HOH A O     1 
HETATM 383 O  O     . HOH C 3 .  ? -3.26517  -7.89586  11.19178  1.000 39.96672 ? 245 HOH A O     1 
HETATM 384 O  O     . HOH C 3 .  ? -4.94468  -7.08960  7.40737   1.000 38.74559 ? 246 HOH A O     1 
HETATM 385 O  O     . HOH C 3 .  ? 4.98135   12.73989  -0.45166  1.000 41.41627 ? 247 HOH A O     1 
HETATM 386 O  O     . HOH C 3 .  ? 9.16890   9.35928   -0.70609  1.000 42.38226 ? 248 HOH A O     1 
HETATM 387 O  O     . HOH C 3 .  ? -2.81033  4.56801   14.83026  1.000 32.62128 ? 249 HOH A O     1 
HETATM 388 O  O     . HOH C 3 .  ? -1.93281  3.70143   12.99998  1.000 27.01335 ? 250 HOH A O     1 
HETATM 389 O  O     . HOH C 3 .  ? -1.75756  2.16496   10.90024  1.000 26.99571 ? 251 HOH A O     1 
# 
